data_3B3D
#
_entry.id   3B3D
#
_cell.length_a   83.106
_cell.length_b   89.170
_cell.length_c   115.687
_cell.angle_alpha   90.00
_cell.angle_beta   90.00
_cell.angle_gamma   90.00
#
_symmetry.space_group_name_H-M   'P 21 21 21'
#
loop_
_entity.id
_entity.type
_entity.pdbx_description
1 polymer 'Putative morphine dehydrogenase'
2 non-polymer 'CALCIUM ION'
3 water water
#
_entity_poly.entity_id   1
_entity_poly.type   'polypeptide(L)'
_entity_poly.pdbx_seq_one_letter_code
;MGSSHHHHHHSSGLVPRGSHMASMTGGQQMGRGSMTTHLQAKATLHNGVEMPWFGLGVFQVEEGSELVNAVKTAIVHGYR
SIDTAAIYGNEAGVGEGIREGIEEAGISREDLFITSKVWNADLGYEETLAAFETSLSKLGLDYLDLYLIHWPVEGKYKEA
WRALETLYKEGRIKAIGVSNFQIHHLEDLMTAAEIKPMINQVEFHPRLTQKELIRYCQNQGIQMEAWSPLMQGQLLDHPV
LADIAQTYNKSVAQIILRWDLQHGIITIPKSTKEHRIKENASVFDFELTQDDMNRIDALNENLRVGPDPDNFDF
;
_entity_poly.pdbx_strand_id   A,B,C
#
loop_
_chem_comp.id
_chem_comp.type
_chem_comp.name
_chem_comp.formula
CA non-polymer 'CALCIUM ION' 'Ca 2'
#
# COMPACT_ATOMS: atom_id res chain seq x y z
N MET A 35 8.47 -7.75 -0.24
CA MET A 35 9.63 -8.20 0.61
C MET A 35 10.01 -7.21 1.71
N THR A 36 11.09 -7.55 2.39
CA THR A 36 11.35 -7.09 3.75
C THR A 36 12.25 -5.85 3.74
N THR A 37 11.66 -4.77 3.27
CA THR A 37 12.33 -3.52 2.95
C THR A 37 12.24 -2.42 4.05
N HIS A 38 11.21 -2.52 4.90
CA HIS A 38 10.92 -1.56 6.00
C HIS A 38 10.02 -2.13 7.12
N LEU A 39 10.02 -1.47 8.27
CA LEU A 39 9.33 -1.97 9.49
C LEU A 39 7.84 -2.29 9.27
N GLN A 40 7.24 -1.63 8.29
CA GLN A 40 5.81 -1.67 8.06
C GLN A 40 5.51 -2.38 6.77
N ALA A 41 6.49 -3.11 6.27
CA ALA A 41 6.28 -4.08 5.17
C ALA A 41 5.49 -5.29 5.68
N LYS A 42 4.59 -5.76 4.82
CA LYS A 42 3.64 -6.80 5.16
C LYS A 42 3.81 -8.02 4.28
N ALA A 43 3.64 -9.19 4.88
CA ALA A 43 3.37 -10.41 4.13
C ALA A 43 1.87 -10.52 3.81
N THR A 44 1.53 -11.12 2.68
CA THR A 44 0.17 -11.45 2.40
C THR A 44 -0.11 -12.93 2.75
N LEU A 45 -1.01 -13.13 3.71
CA LEU A 45 -1.51 -14.45 4.10
C LEU A 45 -2.40 -15.02 3.02
N HIS A 46 -2.73 -16.32 3.12
CA HIS A 46 -3.38 -17.00 1.96
C HIS A 46 -4.80 -16.48 1.70
N ASN A 47 -5.37 -15.80 2.69
CA ASN A 47 -6.68 -15.21 2.56
C ASN A 47 -6.66 -13.70 2.21
N GLY A 48 -5.48 -13.19 1.86
CA GLY A 48 -5.39 -11.80 1.42
C GLY A 48 -5.07 -10.82 2.55
N VAL A 49 -4.92 -11.32 3.77
CA VAL A 49 -4.69 -10.44 4.91
C VAL A 49 -3.20 -10.02 4.92
N GLU A 50 -2.91 -8.73 4.96
CA GLU A 50 -1.55 -8.23 5.11
C GLU A 50 -1.18 -8.26 6.55
N MET A 51 -0.11 -8.97 6.88
CA MET A 51 0.46 -9.03 8.22
C MET A 51 1.92 -8.51 8.21
N PRO A 52 2.26 -7.56 9.11
CA PRO A 52 3.67 -7.11 9.20
C PRO A 52 4.72 -8.23 9.33
N TRP A 53 5.76 -8.15 8.51
CA TRP A 53 6.90 -9.06 8.58
C TRP A 53 7.61 -9.00 9.91
N PHE A 54 7.52 -7.83 10.56
CA PHE A 54 8.26 -7.56 11.81
C PHE A 54 7.32 -7.06 12.91
N GLY A 55 7.38 -7.70 14.08
CA GLY A 55 6.53 -7.29 15.18
C GLY A 55 7.18 -7.42 16.52
N LEU A 56 6.44 -7.02 17.55
CA LEU A 56 6.94 -7.07 18.94
C LEU A 56 6.29 -8.26 19.64
N GLY A 57 7.14 -9.17 20.11
CA GLY A 57 6.78 -10.19 21.07
C GLY A 57 6.65 -9.71 22.50
N VAL A 58 5.49 -10.01 23.06
CA VAL A 58 5.29 -9.95 24.49
C VAL A 58 5.49 -11.32 25.12
N PHE A 59 5.84 -11.30 26.40
CA PHE A 59 6.64 -12.32 27.05
C PHE A 59 6.02 -12.31 28.42
N GLN A 60 6.33 -13.31 29.23
CA GLN A 60 6.04 -13.28 30.66
C GLN A 60 6.63 -12.11 31.39
N VAL A 61 6.01 -10.95 31.22
CA VAL A 61 6.25 -9.83 32.11
C VAL A 61 5.00 -9.52 32.89
N GLU A 62 5.13 -9.56 34.22
CA GLU A 62 5.09 -8.34 34.99
C GLU A 62 3.70 -7.72 34.97
N GLU A 63 3.48 -6.89 33.97
CA GLU A 63 2.26 -6.14 33.82
C GLU A 63 2.32 -4.72 34.35
N GLY A 64 1.72 -3.83 33.59
CA GLY A 64 1.66 -2.42 33.91
C GLY A 64 2.89 -1.67 33.48
N SER A 65 3.46 -0.89 34.41
CA SER A 65 4.44 0.11 34.07
C SER A 65 5.29 -0.29 32.86
N GLU A 66 6.08 -1.34 32.99
CA GLU A 66 7.13 -1.62 32.02
C GLU A 66 6.59 -2.21 30.71
N LEU A 67 5.80 -3.27 30.82
CA LEU A 67 4.92 -3.72 29.77
C LEU A 67 4.21 -2.61 28.99
N VAL A 68 3.45 -1.76 29.67
CA VAL A 68 2.60 -0.82 28.97
C VAL A 68 3.46 0.09 28.11
N ASN A 69 4.58 0.54 28.69
CA ASN A 69 5.52 1.41 28.05
C ASN A 69 6.25 0.78 26.87
N ALA A 70 6.57 -0.50 26.99
CA ALA A 70 7.19 -1.24 25.89
C ALA A 70 6.29 -1.27 24.67
N VAL A 71 5.02 -1.60 24.88
CA VAL A 71 4.07 -1.66 23.77
C VAL A 71 3.86 -0.24 23.14
N LYS A 72 3.70 0.78 23.97
CA LYS A 72 3.55 2.13 23.49
C LYS A 72 4.80 2.55 22.68
N THR A 73 5.95 2.36 23.30
CA THR A 73 7.21 2.74 22.72
C THR A 73 7.41 2.17 21.34
N ALA A 74 7.14 0.86 21.20
CA ALA A 74 7.27 0.14 19.91
C ALA A 74 6.34 0.73 18.84
N ILE A 75 5.09 0.99 19.21
CA ILE A 75 4.13 1.52 18.27
C ILE A 75 4.55 2.91 17.75
N VAL A 76 4.92 3.80 18.68
CA VAL A 76 5.34 5.15 18.36
C VAL A 76 6.58 5.13 17.45
N HIS A 77 7.47 4.20 17.73
CA HIS A 77 8.68 4.03 16.94
C HIS A 77 8.37 3.61 15.49
N GLY A 78 7.29 2.84 15.31
CA GLY A 78 6.81 2.44 14.00
C GLY A 78 6.39 0.98 13.81
N TYR A 79 6.39 0.20 14.89
CA TYR A 79 5.87 -1.18 14.87
C TYR A 79 4.39 -1.14 14.71
N ARG A 80 3.89 -2.10 13.94
CA ARG A 80 2.46 -2.19 13.62
C ARG A 80 1.96 -3.59 13.81
N SER A 81 2.74 -4.43 14.51
CA SER A 81 2.36 -5.76 14.91
C SER A 81 2.77 -6.02 16.37
N ILE A 82 1.81 -6.49 17.15
CA ILE A 82 2.00 -6.85 18.54
C ILE A 82 1.49 -8.27 18.80
N ASP A 83 2.33 -9.11 19.36
CA ASP A 83 2.01 -10.53 19.56
C ASP A 83 2.00 -10.86 21.05
N THR A 84 0.86 -11.35 21.50
CA THR A 84 0.68 -11.78 22.87
C THR A 84 0.03 -13.17 22.91
N ALA A 85 -0.29 -13.62 24.13
CA ALA A 85 -0.90 -14.90 24.43
C ALA A 85 -1.62 -14.73 25.75
N ALA A 86 -2.73 -15.44 25.93
CA ALA A 86 -3.47 -15.34 27.19
C ALA A 86 -2.69 -15.95 28.36
N ILE A 87 -1.83 -16.92 28.10
CA ILE A 87 -1.07 -17.56 29.19
C ILE A 87 -0.04 -16.63 29.89
N TYR A 88 0.43 -15.63 29.14
CA TYR A 88 1.08 -14.42 29.68
C TYR A 88 0.42 -14.06 31.00
N GLY A 89 -0.86 -13.72 30.87
CA GLY A 89 -1.68 -13.07 31.89
C GLY A 89 -1.51 -11.55 31.88
N ASN A 90 -1.13 -11.00 30.74
CA ASN A 90 -0.90 -9.57 30.66
C ASN A 90 -1.57 -8.85 29.48
N GLU A 91 -2.76 -9.28 29.12
CA GLU A 91 -3.48 -8.69 27.99
C GLU A 91 -3.99 -7.29 28.32
N ALA A 92 -4.32 -7.06 29.60
CA ALA A 92 -4.73 -5.74 30.08
C ALA A 92 -3.62 -4.67 29.92
N GLY A 93 -2.39 -5.04 30.30
CA GLY A 93 -1.20 -4.23 30.05
C GLY A 93 -1.01 -3.96 28.57
N VAL A 94 -1.06 -5.03 27.76
CA VAL A 94 -1.01 -4.90 26.32
C VAL A 94 -2.08 -3.93 25.76
N GLY A 95 -3.33 -4.06 26.26
CA GLY A 95 -4.46 -3.23 25.85
C GLY A 95 -4.25 -1.75 26.05
N GLU A 96 -3.77 -1.39 27.23
CA GLU A 96 -3.42 0.00 27.52
C GLU A 96 -2.22 0.53 26.71
N GLY A 97 -1.16 -0.28 26.59
CA GLY A 97 -0.02 0.03 25.76
C GLY A 97 -0.46 0.28 24.32
N ILE A 98 -1.39 -0.53 23.79
CA ILE A 98 -1.98 -0.29 22.45
C ILE A 98 -2.68 1.08 22.45
N ARG A 99 -3.45 1.38 23.51
CA ARG A 99 -4.23 2.60 23.58
C ARG A 99 -3.34 3.82 23.53
N GLU A 100 -2.33 3.88 24.39
CA GLU A 100 -1.51 5.06 24.34
C GLU A 100 -0.54 5.07 23.14
N GLY A 101 -0.12 3.89 22.68
CA GLY A 101 0.61 3.79 21.44
C GLY A 101 -0.18 4.47 20.32
N ILE A 102 -1.41 4.00 20.07
CA ILE A 102 -2.32 4.56 19.06
C ILE A 102 -2.42 6.07 19.10
N GLU A 103 -2.75 6.62 20.28
CA GLU A 103 -2.94 8.07 20.41
C GLU A 103 -1.67 8.92 20.20
N GLU A 104 -0.53 8.45 20.70
CA GLU A 104 0.72 9.21 20.56
C GLU A 104 1.34 9.08 19.16
N ALA A 105 1.11 7.97 18.49
CA ALA A 105 1.59 7.81 17.11
C ALA A 105 0.63 8.51 16.13
N GLY A 106 -0.60 8.76 16.57
CA GLY A 106 -1.62 9.44 15.76
C GLY A 106 -2.13 8.54 14.65
N ILE A 107 -2.21 7.25 14.95
CA ILE A 107 -2.78 6.26 14.04
C ILE A 107 -4.16 5.74 14.52
N SER A 108 -4.66 4.71 13.87
CA SER A 108 -5.89 4.06 14.30
C SER A 108 -5.65 2.64 14.78
N ARG A 109 -6.54 2.12 15.59
CA ARG A 109 -6.46 0.72 15.93
C ARG A 109 -6.29 -0.13 14.67
N GLU A 110 -6.91 0.27 13.57
CA GLU A 110 -6.94 -0.52 12.34
C GLU A 110 -5.59 -0.60 11.61
N ASP A 111 -4.69 0.36 11.87
CA ASP A 111 -3.34 0.29 11.31
C ASP A 111 -2.50 -0.77 11.97
N LEU A 112 -2.96 -1.30 13.10
CA LEU A 112 -2.19 -2.28 13.86
C LEU A 112 -2.70 -3.67 13.60
N PHE A 113 -1.77 -4.58 13.78
CA PHE A 113 -1.99 -5.99 13.69
C PHE A 113 -1.75 -6.66 15.07
N ILE A 114 -2.83 -7.16 15.68
CA ILE A 114 -2.76 -7.76 16.97
C ILE A 114 -2.96 -9.28 16.90
N THR A 115 -2.11 -10.01 17.61
CA THR A 115 -2.22 -11.47 17.68
C THR A 115 -2.35 -11.90 19.15
N SER A 116 -3.34 -12.75 19.43
CA SER A 116 -3.38 -13.52 20.69
C SER A 116 -3.49 -15.02 20.40
N LYS A 117 -3.48 -15.82 21.47
CA LYS A 117 -3.46 -17.27 21.40
C LYS A 117 -4.36 -17.85 22.48
N VAL A 118 -5.07 -18.95 22.15
CA VAL A 118 -5.74 -19.76 23.19
C VAL A 118 -4.72 -20.65 23.87
N TRP A 119 -4.79 -20.65 25.19
CA TRP A 119 -3.99 -21.52 26.02
C TRP A 119 -4.60 -22.90 26.09
N ASN A 120 -3.72 -23.89 26.26
CA ASN A 120 -4.04 -25.33 26.39
C ASN A 120 -5.26 -25.70 27.25
N ALA A 121 -5.36 -25.05 28.40
CA ALA A 121 -6.42 -25.30 29.37
C ALA A 121 -7.81 -24.91 28.79
N ASP A 122 -7.80 -24.15 27.71
CA ASP A 122 -9.00 -23.53 27.13
C ASP A 122 -9.30 -24.07 25.72
N LEU A 123 -8.63 -25.14 25.35
CA LEU A 123 -8.88 -25.73 24.04
C LEU A 123 -10.13 -26.60 24.09
N GLY A 124 -10.92 -26.51 23.02
CA GLY A 124 -12.24 -27.12 22.95
C GLY A 124 -13.17 -26.13 22.31
N TYR A 125 -14.35 -26.59 21.95
CA TYR A 125 -15.20 -25.76 21.12
C TYR A 125 -15.74 -24.53 21.85
N GLU A 126 -16.52 -24.78 22.88
CA GLU A 126 -17.13 -23.75 23.67
C GLU A 126 -16.04 -23.04 24.46
N GLU A 127 -15.09 -23.82 24.98
CA GLU A 127 -14.03 -23.24 25.81
C GLU A 127 -13.22 -22.19 25.07
N THR A 128 -12.92 -22.49 23.81
CA THR A 128 -12.14 -21.60 22.94
C THR A 128 -12.96 -20.37 22.51
N LEU A 129 -14.26 -20.55 22.28
CA LEU A 129 -15.14 -19.41 21.99
C LEU A 129 -15.11 -18.48 23.18
N ALA A 130 -15.25 -19.06 24.38
CA ALA A 130 -15.25 -18.26 25.60
C ALA A 130 -13.95 -17.52 25.84
N ALA A 131 -12.82 -18.21 25.63
CA ALA A 131 -11.45 -17.67 25.84
C ALA A 131 -11.06 -16.51 24.91
N PHE A 132 -11.48 -16.61 23.64
CA PHE A 132 -11.39 -15.53 22.69
C PHE A 132 -12.10 -14.29 23.19
N GLU A 133 -13.34 -14.44 23.71
CA GLU A 133 -14.07 -13.28 24.27
C GLU A 133 -13.33 -12.70 25.45
N THR A 134 -12.80 -13.56 26.30
CA THR A 134 -12.02 -13.09 27.43
C THR A 134 -10.81 -12.24 27.01
N SER A 135 -10.09 -12.73 26.00
CA SER A 135 -8.93 -12.09 25.46
C SER A 135 -9.28 -10.72 24.87
N LEU A 136 -10.40 -10.66 24.13
CA LEU A 136 -10.88 -9.40 23.51
C LEU A 136 -11.20 -8.33 24.53
N SER A 137 -11.87 -8.72 25.60
CA SER A 137 -12.17 -7.83 26.74
C SER A 137 -10.94 -7.22 27.37
N LYS A 138 -9.98 -8.04 27.77
CA LYS A 138 -8.76 -7.57 28.41
C LYS A 138 -7.91 -6.69 27.51
N LEU A 139 -7.76 -7.07 26.23
CA LEU A 139 -7.00 -6.28 25.25
C LEU A 139 -7.71 -4.97 24.86
N GLY A 140 -9.00 -4.87 25.18
CA GLY A 140 -9.80 -3.69 24.86
C GLY A 140 -10.08 -3.55 23.37
N LEU A 141 -10.32 -4.69 22.71
CA LEU A 141 -10.44 -4.72 21.26
C LEU A 141 -11.81 -5.24 20.90
N ASP A 142 -12.29 -4.92 19.67
CA ASP A 142 -13.54 -5.53 19.16
C ASP A 142 -13.26 -6.70 18.22
N TYR A 143 -12.03 -6.84 17.77
CA TYR A 143 -11.67 -7.92 16.85
C TYR A 143 -10.18 -8.20 17.02
N LEU A 144 -9.75 -9.40 16.66
CA LEU A 144 -8.33 -9.67 16.59
C LEU A 144 -7.94 -9.76 15.14
N ASP A 145 -6.69 -9.43 14.84
CA ASP A 145 -6.20 -9.67 13.48
C ASP A 145 -5.85 -11.13 13.27
N LEU A 146 -5.28 -11.73 14.29
CA LEU A 146 -4.88 -13.14 14.20
C LEU A 146 -5.08 -13.76 15.55
N TYR A 147 -5.57 -14.98 15.55
CA TYR A 147 -5.75 -15.75 16.75
C TYR A 147 -5.21 -17.14 16.51
N LEU A 148 -4.38 -17.62 17.43
CA LEU A 148 -3.65 -18.89 17.22
C LEU A 148 -4.02 -19.89 18.30
N ILE A 149 -3.99 -21.17 17.94
CA ILE A 149 -3.89 -22.24 18.92
C ILE A 149 -2.45 -22.21 19.43
N HIS A 150 -2.28 -22.15 20.76
CA HIS A 150 -0.93 -22.10 21.32
C HIS A 150 -0.13 -23.42 21.20
N TRP A 151 -0.76 -24.57 21.48
CA TRP A 151 -0.12 -25.90 21.32
C TRP A 151 -1.04 -26.97 20.77
N PRO A 152 -0.45 -27.95 20.03
CA PRO A 152 -1.19 -29.10 19.49
C PRO A 152 -1.48 -30.12 20.60
N VAL A 153 -2.37 -29.79 21.50
CA VAL A 153 -2.70 -30.70 22.56
C VAL A 153 -3.54 -31.82 22.02
N GLU A 154 -2.98 -33.02 22.03
CA GLU A 154 -3.67 -34.15 21.44
C GLU A 154 -5.03 -34.35 22.07
N GLY A 155 -6.03 -34.46 21.21
CA GLY A 155 -7.37 -34.67 21.65
C GLY A 155 -8.16 -33.41 21.93
N LYS A 156 -7.51 -32.26 21.90
CA LYS A 156 -8.23 -30.98 22.11
C LYS A 156 -8.12 -29.95 20.97
N TYR A 157 -7.08 -30.03 20.16
CA TYR A 157 -6.82 -28.93 19.22
C TYR A 157 -7.78 -28.86 18.01
N LYS A 158 -8.34 -29.99 17.60
CA LYS A 158 -9.33 -30.02 16.50
C LYS A 158 -10.66 -29.33 16.83
N GLU A 159 -11.19 -29.57 18.03
CA GLU A 159 -12.34 -28.82 18.50
C GLU A 159 -11.99 -27.33 18.71
N ALA A 160 -10.78 -27.05 19.20
CA ALA A 160 -10.30 -25.64 19.24
C ALA A 160 -10.30 -25.00 17.86
N TRP A 161 -9.75 -25.68 16.87
CA TRP A 161 -9.72 -25.18 15.49
C TRP A 161 -11.11 -24.84 14.90
N ARG A 162 -12.10 -25.67 15.17
CA ARG A 162 -13.48 -25.47 14.77
C ARG A 162 -14.08 -24.18 15.30
N ALA A 163 -13.77 -23.90 16.56
CA ALA A 163 -14.06 -22.61 17.23
C ALA A 163 -13.35 -21.44 16.56
N LEU A 164 -12.06 -21.55 16.28
CA LEU A 164 -11.40 -20.53 15.42
C LEU A 164 -12.08 -20.33 14.06
N GLU A 165 -12.45 -21.42 13.38
CA GLU A 165 -13.13 -21.31 12.11
C GLU A 165 -14.49 -20.61 12.19
N THR A 166 -15.26 -20.94 13.23
CA THR A 166 -16.54 -20.26 13.51
C THR A 166 -16.34 -18.75 13.66
N LEU A 167 -15.44 -18.39 14.56
CA LEU A 167 -15.11 -17.00 14.85
C LEU A 167 -14.60 -16.29 13.59
N TYR A 168 -13.81 -17.01 12.81
CA TYR A 168 -13.38 -16.53 11.50
C TYR A 168 -14.56 -16.28 10.55
N LYS A 169 -15.41 -17.30 10.42
CA LYS A 169 -16.60 -17.24 9.57
C LYS A 169 -17.52 -16.12 9.97
N GLU A 170 -17.49 -15.74 11.26
CA GLU A 170 -18.36 -14.66 11.76
C GLU A 170 -17.76 -13.28 11.57
N GLY A 171 -16.52 -13.24 11.09
CA GLY A 171 -15.86 -11.99 10.83
C GLY A 171 -15.23 -11.40 12.06
N ARG A 172 -15.02 -12.22 13.09
CA ARG A 172 -14.50 -11.74 14.40
C ARG A 172 -12.96 -11.66 14.45
N ILE A 173 -12.32 -12.51 13.65
CA ILE A 173 -10.85 -12.57 13.49
C ILE A 173 -10.49 -12.40 11.99
N LYS A 174 -9.49 -11.56 11.71
CA LYS A 174 -8.98 -11.35 10.32
C LYS A 174 -8.33 -12.65 9.71
N ALA A 175 -7.53 -13.33 10.54
CA ALA A 175 -6.82 -14.54 10.14
C ALA A 175 -6.74 -15.48 11.31
N ILE A 176 -6.49 -16.72 11.01
CA ILE A 176 -6.57 -17.76 11.99
C ILE A 176 -5.45 -18.78 11.71
N GLY A 177 -4.76 -19.22 12.77
CA GLY A 177 -3.66 -20.14 12.63
C GLY A 177 -3.27 -20.84 13.91
N VAL A 178 -1.99 -21.18 13.97
CA VAL A 178 -1.55 -22.25 14.81
C VAL A 178 -0.10 -21.96 15.28
N SER A 179 0.27 -22.54 16.40
N SER A 179 0.33 -22.61 16.36
CA SER A 179 1.59 -22.31 16.96
CA SER A 179 1.65 -22.38 16.91
C SER A 179 2.11 -23.71 17.39
C SER A 179 2.16 -23.78 17.34
N ASN A 180 3.40 -24.02 17.06
CA ASN A 180 4.05 -25.25 17.48
C ASN A 180 3.51 -26.56 16.88
N PHE A 181 3.02 -26.48 15.65
CA PHE A 181 2.48 -27.65 14.97
C PHE A 181 3.55 -28.25 14.07
N GLN A 182 3.68 -29.56 14.15
CA GLN A 182 4.55 -30.28 13.25
C GLN A 182 3.83 -30.60 11.97
N ILE A 183 4.57 -31.08 10.99
CA ILE A 183 3.93 -31.54 9.77
C ILE A 183 2.75 -32.48 10.10
N HIS A 184 2.94 -33.47 10.96
CA HIS A 184 1.90 -34.48 11.17
C HIS A 184 0.66 -33.93 11.86
N HIS A 185 0.89 -32.92 12.70
CA HIS A 185 -0.20 -32.14 13.31
C HIS A 185 -1.00 -31.36 12.28
N LEU A 186 -0.30 -30.79 11.32
CA LEU A 186 -0.99 -30.05 10.25
C LEU A 186 -1.76 -31.00 9.31
N GLU A 187 -1.11 -32.08 8.91
CA GLU A 187 -1.77 -33.17 8.20
C GLU A 187 -3.02 -33.67 8.89
N ASP A 188 -2.92 -33.97 10.18
CA ASP A 188 -4.06 -34.46 10.93
C ASP A 188 -5.18 -33.42 11.02
N LEU A 189 -4.80 -32.15 11.20
CA LEU A 189 -5.76 -31.05 11.28
C LEU A 189 -6.60 -30.92 10.00
N MET A 190 -5.97 -31.21 8.87
CA MET A 190 -6.54 -30.92 7.58
C MET A 190 -7.31 -32.07 6.95
N THR A 191 -7.46 -33.15 7.69
CA THR A 191 -8.39 -34.19 7.28
C THR A 191 -9.82 -33.74 7.60
N ALA A 192 -9.98 -32.90 8.64
CA ALA A 192 -11.32 -32.44 9.02
C ALA A 192 -11.54 -30.92 8.99
N ALA A 193 -10.52 -30.15 8.64
CA ALA A 193 -10.68 -28.70 8.68
C ALA A 193 -11.38 -28.13 7.43
N GLU A 194 -12.22 -27.13 7.67
CA GLU A 194 -12.84 -26.41 6.59
C GLU A 194 -11.97 -25.21 6.17
N ILE A 195 -11.17 -24.69 7.11
CA ILE A 195 -10.24 -23.62 6.80
C ILE A 195 -8.80 -24.05 7.15
N LYS A 196 -7.87 -23.75 6.27
CA LYS A 196 -6.49 -24.13 6.51
C LYS A 196 -5.82 -23.03 7.34
N PRO A 197 -4.96 -23.42 8.29
CA PRO A 197 -4.15 -22.45 9.06
C PRO A 197 -3.36 -21.43 8.20
N MET A 198 -3.29 -20.20 8.66
CA MET A 198 -2.66 -19.14 7.83
C MET A 198 -1.25 -18.80 8.33
N ILE A 199 -1.02 -19.19 9.56
CA ILE A 199 0.21 -18.98 10.26
C ILE A 199 0.62 -20.24 10.98
N ASN A 200 1.91 -20.53 10.98
CA ASN A 200 2.45 -21.52 11.90
C ASN A 200 3.62 -20.91 12.69
N GLN A 201 3.34 -20.51 13.92
CA GLN A 201 4.30 -19.78 14.73
C GLN A 201 5.13 -20.73 15.56
N VAL A 202 6.43 -20.70 15.33
CA VAL A 202 7.29 -21.79 15.70
C VAL A 202 8.62 -21.26 16.29
N GLU A 203 9.30 -22.06 17.11
CA GLU A 203 10.73 -21.86 17.39
C GLU A 203 11.58 -21.99 16.10
N PHE A 204 12.51 -21.06 15.90
CA PHE A 204 13.28 -20.96 14.66
C PHE A 204 14.44 -19.98 14.81
N HIS A 205 15.65 -20.48 14.60
CA HIS A 205 16.87 -19.74 14.85
C HIS A 205 17.97 -20.57 14.21
N PRO A 206 19.21 -20.03 14.13
CA PRO A 206 20.32 -20.70 13.47
C PRO A 206 20.69 -22.12 13.95
N ARG A 207 20.40 -22.45 15.21
CA ARG A 207 20.65 -23.84 15.66
C ARG A 207 19.44 -24.79 15.52
N LEU A 208 18.30 -24.26 15.03
CA LEU A 208 17.03 -25.01 14.80
C LEU A 208 16.40 -24.38 13.57
N THR A 209 16.87 -24.78 12.39
CA THR A 209 16.48 -24.08 11.19
C THR A 209 15.20 -24.66 10.51
N GLN A 210 14.71 -25.80 11.02
CA GLN A 210 13.34 -26.25 10.69
C GLN A 210 13.08 -26.47 9.17
N LYS A 211 14.10 -26.90 8.42
CA LYS A 211 14.04 -26.98 6.95
C LYS A 211 12.86 -27.78 6.38
N GLU A 212 12.60 -28.98 6.89
CA GLU A 212 11.46 -29.81 6.43
C GLU A 212 10.10 -29.20 6.71
N LEU A 213 9.93 -28.68 7.93
CA LEU A 213 8.64 -28.04 8.32
C LEU A 213 8.39 -26.76 7.53
N ILE A 214 9.42 -25.97 7.32
CA ILE A 214 9.27 -24.74 6.54
C ILE A 214 8.85 -25.00 5.09
N ARG A 215 9.53 -25.96 4.44
CA ARG A 215 9.21 -26.45 3.09
C ARG A 215 7.75 -26.92 3.03
N TYR A 216 7.37 -27.79 3.96
CA TYR A 216 6.01 -28.31 3.97
C TYR A 216 5.00 -27.16 4.05
N CYS A 217 5.22 -26.22 4.95
CA CYS A 217 4.33 -25.08 5.14
C CYS A 217 4.27 -24.12 3.96
N GLN A 218 5.41 -23.82 3.38
CA GLN A 218 5.44 -22.95 2.23
C GLN A 218 4.63 -23.58 1.09
N ASN A 219 4.75 -24.91 0.96
CA ASN A 219 4.05 -25.68 -0.08
C ASN A 219 2.55 -25.70 0.16
N GLN A 220 2.17 -25.59 1.43
CA GLN A 220 0.74 -25.53 1.79
C GLN A 220 0.14 -24.12 1.78
N GLY A 221 0.96 -23.09 1.57
CA GLY A 221 0.52 -21.69 1.76
C GLY A 221 0.35 -21.29 3.22
N ILE A 222 1.11 -21.92 4.12
CA ILE A 222 0.96 -21.61 5.53
C ILE A 222 2.18 -20.77 5.84
N GLN A 223 1.97 -19.57 6.38
CA GLN A 223 3.05 -18.64 6.61
C GLN A 223 3.74 -18.86 7.96
N MET A 224 5.06 -19.00 7.91
CA MET A 224 5.91 -19.25 9.06
C MET A 224 6.18 -17.95 9.81
N GLU A 225 6.22 -18.06 11.13
CA GLU A 225 6.51 -16.99 12.04
C GLU A 225 7.44 -17.56 13.09
N ALA A 226 8.40 -16.77 13.52
CA ALA A 226 9.31 -17.22 14.56
C ALA A 226 8.96 -16.60 15.90
N TRP A 227 8.66 -17.46 16.88
CA TRP A 227 8.60 -17.09 18.30
C TRP A 227 10.01 -17.08 18.91
N SER A 228 10.32 -16.10 19.76
CA SER A 228 11.66 -16.00 20.36
C SER A 228 12.81 -16.09 19.35
N PRO A 229 12.80 -15.23 18.32
CA PRO A 229 13.87 -15.39 17.31
C PRO A 229 15.30 -15.30 17.86
N LEU A 230 15.48 -14.56 18.96
CA LEU A 230 16.82 -14.26 19.52
C LEU A 230 17.19 -15.20 20.63
N MET A 231 16.22 -16.03 20.99
CA MET A 231 16.32 -17.11 21.98
C MET A 231 17.12 -16.76 23.24
N GLN A 232 16.67 -15.72 23.95
CA GLN A 232 17.35 -15.27 25.17
C GLN A 232 18.85 -14.95 24.96
N GLY A 233 19.20 -14.41 23.79
CA GLY A 233 20.55 -13.98 23.47
C GLY A 233 21.58 -15.09 23.32
N GLN A 234 21.12 -16.32 23.05
CA GLN A 234 22.01 -17.49 23.13
C GLN A 234 23.15 -17.58 22.12
N LEU A 235 23.10 -16.81 21.04
CA LEU A 235 24.13 -16.88 20.02
C LEU A 235 25.01 -15.66 19.99
N LEU A 236 24.66 -14.66 20.80
CA LEU A 236 25.19 -13.32 20.64
C LEU A 236 26.71 -13.19 20.74
N ASP A 237 27.40 -14.25 21.16
CA ASP A 237 28.89 -14.41 21.05
C ASP A 237 29.41 -15.33 19.93
N HIS A 238 28.54 -15.83 19.08
CA HIS A 238 28.96 -16.83 18.11
C HIS A 238 29.86 -16.22 17.02
N PRO A 239 30.97 -16.86 16.76
CA PRO A 239 32.02 -16.26 15.95
C PRO A 239 31.60 -16.04 14.52
N VAL A 240 30.86 -16.97 13.95
CA VAL A 240 30.35 -16.79 12.60
C VAL A 240 29.48 -15.55 12.53
N LEU A 241 28.56 -15.47 13.47
CA LEU A 241 27.62 -14.41 13.55
C LEU A 241 28.24 -13.09 13.96
N ALA A 242 29.21 -13.13 14.86
CA ALA A 242 29.98 -11.95 15.22
C ALA A 242 30.81 -11.38 14.09
N ASP A 243 31.38 -12.27 13.29
CA ASP A 243 32.07 -11.89 12.05
C ASP A 243 31.14 -11.18 11.07
N ILE A 244 30.02 -11.82 10.78
CA ILE A 244 29.00 -11.24 9.89
C ILE A 244 28.47 -9.90 10.40
N ALA A 245 28.24 -9.82 11.70
CA ALA A 245 27.70 -8.64 12.35
C ALA A 245 28.67 -7.51 12.16
N GLN A 246 29.95 -7.82 12.33
CA GLN A 246 30.99 -6.84 12.23
C GLN A 246 31.16 -6.31 10.81
N THR A 247 31.07 -7.18 9.82
CA THR A 247 31.25 -6.71 8.45
C THR A 247 30.15 -5.72 8.05
N TYR A 248 29.00 -5.81 8.72
CA TYR A 248 27.89 -4.89 8.48
C TYR A 248 27.75 -3.74 9.48
N ASN A 249 28.60 -3.72 10.51
CA ASN A 249 28.45 -2.76 11.60
C ASN A 249 27.03 -2.92 12.20
N LYS A 250 26.64 -4.18 12.47
CA LYS A 250 25.35 -4.50 13.09
C LYS A 250 25.56 -5.33 14.37
N SER A 251 24.52 -5.45 15.21
CA SER A 251 24.61 -6.40 16.30
C SER A 251 24.32 -7.80 15.76
N VAL A 252 24.79 -8.83 16.46
CA VAL A 252 24.37 -10.20 16.14
C VAL A 252 22.83 -10.31 16.03
N ALA A 253 22.10 -9.81 17.03
CA ALA A 253 20.64 -9.76 17.02
C ALA A 253 20.09 -9.18 15.70
N GLN A 254 20.71 -8.10 15.23
CA GLN A 254 20.26 -7.47 14.00
C GLN A 254 20.39 -8.40 12.79
N ILE A 255 21.55 -9.07 12.71
CA ILE A 255 21.78 -9.99 11.61
C ILE A 255 20.91 -11.28 11.69
N ILE A 256 20.72 -11.86 12.89
CA ILE A 256 19.76 -12.96 13.06
C ILE A 256 18.33 -12.63 12.54
N LEU A 257 17.88 -11.45 12.94
CA LEU A 257 16.55 -10.95 12.62
C LEU A 257 16.37 -10.69 11.12
N ARG A 258 17.40 -10.12 10.48
CA ARG A 258 17.49 -10.01 9.04
C ARG A 258 17.46 -11.39 8.32
N TRP A 259 18.15 -12.37 8.90
CA TRP A 259 18.16 -13.73 8.39
C TRP A 259 16.77 -14.37 8.46
N ASP A 260 16.06 -14.23 9.60
CA ASP A 260 14.63 -14.60 9.70
C ASP A 260 13.89 -14.07 8.49
N LEU A 261 14.02 -12.76 8.27
CA LEU A 261 13.38 -12.04 7.17
C LEU A 261 13.72 -12.50 5.78
N GLN A 262 15.01 -12.71 5.50
CA GLN A 262 15.38 -13.23 4.20
C GLN A 262 15.07 -14.74 3.96
N HIS A 263 14.80 -15.49 5.04
CA HIS A 263 14.15 -16.80 4.95
C HIS A 263 12.64 -16.73 4.71
N GLY A 264 12.07 -15.52 4.71
CA GLY A 264 10.61 -15.36 4.57
C GLY A 264 9.85 -15.79 5.82
N ILE A 265 10.43 -15.54 6.98
CA ILE A 265 9.76 -15.90 8.21
C ILE A 265 9.45 -14.62 9.02
N ILE A 266 8.20 -14.47 9.45
CA ILE A 266 7.73 -13.33 10.22
C ILE A 266 8.42 -13.44 11.57
N THR A 267 8.84 -12.30 12.07
CA THR A 267 9.69 -12.33 13.28
C THR A 267 9.20 -11.34 14.32
N ILE A 268 9.17 -11.81 15.58
CA ILE A 268 8.57 -11.11 16.70
C ILE A 268 9.47 -11.02 17.94
N PRO A 269 10.61 -10.30 17.82
CA PRO A 269 11.58 -10.36 18.96
C PRO A 269 10.99 -9.79 20.25
N LYS A 270 11.21 -10.44 21.37
CA LYS A 270 10.78 -9.91 22.66
C LYS A 270 11.71 -8.84 23.20
N SER A 271 11.12 -7.78 23.75
CA SER A 271 11.93 -6.87 24.53
C SER A 271 11.01 -5.81 25.11
N THR A 272 11.54 -5.16 26.12
CA THR A 272 10.84 -4.39 27.09
C THR A 272 11.69 -3.13 27.31
N LYS A 273 12.94 -3.22 26.89
CA LYS A 273 13.93 -2.13 26.94
C LYS A 273 13.82 -1.31 25.65
N GLU A 274 13.49 -0.05 25.84
CA GLU A 274 13.33 0.91 24.78
C GLU A 274 14.44 0.87 23.75
N HIS A 275 15.69 0.99 24.21
CA HIS A 275 16.80 1.07 23.27
C HIS A 275 16.85 -0.20 22.46
N ARG A 276 16.51 -1.32 23.09
CA ARG A 276 16.50 -2.63 22.44
C ARG A 276 15.39 -2.82 21.40
N ILE A 277 14.20 -2.40 21.77
CA ILE A 277 13.02 -2.36 20.93
C ILE A 277 13.27 -1.55 19.65
N LYS A 278 13.87 -0.38 19.81
CA LYS A 278 14.28 0.44 18.70
C LYS A 278 15.40 -0.22 17.86
N GLU A 279 16.47 -0.60 18.52
CA GLU A 279 17.58 -1.25 17.85
C GLU A 279 17.28 -2.59 17.14
N ASN A 280 16.46 -3.44 17.74
CA ASN A 280 16.10 -4.70 17.07
C ASN A 280 15.38 -4.43 15.75
N ALA A 281 14.63 -3.32 15.65
CA ALA A 281 13.90 -3.02 14.40
C ALA A 281 14.79 -2.43 13.27
N SER A 282 15.99 -1.93 13.65
N SER A 282 15.95 -1.94 13.65
CA SER A 282 16.96 -1.39 12.67
CA SER A 282 16.84 -1.38 12.68
C SER A 282 17.66 -2.50 11.91
C SER A 282 17.64 -2.44 11.90
N VAL A 283 16.93 -3.03 10.95
CA VAL A 283 17.28 -4.26 10.24
C VAL A 283 17.06 -4.06 8.70
N PHE A 284 16.87 -2.80 8.25
CA PHE A 284 16.46 -2.49 6.87
C PHE A 284 17.44 -1.62 6.07
N ASP A 285 18.59 -1.35 6.69
CA ASP A 285 19.61 -0.54 6.09
C ASP A 285 20.63 -1.44 5.46
N PHE A 286 20.36 -2.75 5.49
CA PHE A 286 21.30 -3.70 4.90
C PHE A 286 20.59 -4.98 4.43
N GLU A 287 21.35 -5.81 3.75
CA GLU A 287 20.90 -7.09 3.25
C GLU A 287 22.01 -8.09 3.46
N LEU A 288 21.67 -9.36 3.69
CA LEU A 288 22.69 -10.43 3.82
C LEU A 288 22.88 -11.05 2.42
N THR A 289 24.10 -11.31 2.02
CA THR A 289 24.37 -12.00 0.75
C THR A 289 23.88 -13.46 0.83
N GLN A 290 23.86 -14.18 -0.29
CA GLN A 290 23.52 -15.61 -0.24
C GLN A 290 24.55 -16.44 0.55
N ASP A 291 25.81 -16.04 0.47
CA ASP A 291 26.88 -16.64 1.26
C ASP A 291 26.74 -16.50 2.80
N ASP A 292 26.48 -15.28 3.26
CA ASP A 292 26.09 -15.00 4.65
C ASP A 292 24.89 -15.87 5.07
N MET A 293 23.86 -15.95 4.24
CA MET A 293 22.73 -16.85 4.54
C MET A 293 23.14 -18.33 4.65
N ASN A 294 23.99 -18.82 3.74
CA ASN A 294 24.49 -20.20 3.86
C ASN A 294 25.43 -20.37 5.07
N ARG A 295 26.17 -19.34 5.45
CA ARG A 295 27.04 -19.45 6.63
C ARG A 295 26.22 -19.61 7.93
N ILE A 296 25.07 -18.96 7.97
CA ILE A 296 24.18 -19.01 9.13
C ILE A 296 23.32 -20.28 9.16
N ASP A 297 22.82 -20.69 8.00
CA ASP A 297 22.16 -21.97 7.82
C ASP A 297 23.03 -23.16 8.20
N ALA A 298 24.34 -23.06 7.95
CA ALA A 298 25.29 -24.11 8.30
C ALA A 298 25.38 -24.36 9.81
N LEU A 299 24.88 -23.42 10.60
CA LEU A 299 24.91 -23.51 12.06
C LEU A 299 23.84 -24.45 12.62
N ASN A 300 22.89 -24.85 11.80
CA ASN A 300 21.91 -25.89 12.26
C ASN A 300 22.47 -27.08 13.09
N GLU A 301 21.82 -27.36 14.22
CA GLU A 301 22.21 -28.42 15.14
C GLU A 301 20.99 -29.29 15.50
N ASN A 302 19.84 -28.98 14.94
CA ASN A 302 18.58 -29.53 15.40
C ASN A 302 18.42 -29.33 16.92
N LEU A 303 18.88 -28.20 17.47
CA LEU A 303 18.76 -28.00 18.93
C LEU A 303 17.56 -27.17 19.33
N ARG A 304 16.58 -27.87 19.87
CA ARG A 304 15.37 -27.27 20.37
C ARG A 304 15.63 -26.77 21.79
N VAL A 305 15.46 -25.47 21.98
CA VAL A 305 15.56 -24.85 23.30
C VAL A 305 14.22 -24.79 24.07
N GLY A 306 13.12 -24.54 23.37
CA GLY A 306 11.78 -24.60 23.95
C GLY A 306 11.24 -26.02 24.03
N PRO A 307 9.95 -26.17 24.44
CA PRO A 307 9.27 -27.48 24.57
C PRO A 307 9.09 -28.22 23.25
N ASP A 308 9.20 -29.53 23.31
CA ASP A 308 9.02 -30.39 22.15
C ASP A 308 7.52 -30.52 21.87
N PRO A 309 7.09 -30.14 20.65
CA PRO A 309 5.71 -30.22 20.18
C PRO A 309 5.14 -31.64 20.13
N ASP A 310 6.03 -32.64 20.05
CA ASP A 310 5.70 -34.09 20.10
C ASP A 310 5.88 -34.75 21.47
N ASN A 311 6.33 -33.97 22.45
CA ASN A 311 6.66 -34.48 23.78
C ASN A 311 6.60 -33.32 24.80
N PHE A 312 5.38 -32.90 25.12
CA PHE A 312 5.17 -31.83 26.11
C PHE A 312 3.99 -32.20 27.02
N ASP A 313 3.98 -31.65 28.24
CA ASP A 313 2.91 -31.87 29.24
C ASP A 313 2.68 -30.59 30.05
N PHE A 314 1.83 -29.72 29.52
CA PHE A 314 1.37 -28.51 30.20
C PHE A 314 0.09 -28.04 29.50
N HIS B 38 -30.98 3.24 -4.00
CA HIS B 38 -31.42 3.49 -5.36
C HIS B 38 -30.70 2.62 -6.37
N LEU B 39 -31.27 2.56 -7.56
CA LEU B 39 -30.61 2.09 -8.76
C LEU B 39 -29.28 2.78 -9.08
N GLN B 40 -29.07 3.97 -8.53
CA GLN B 40 -27.87 4.75 -8.82
C GLN B 40 -26.89 4.76 -7.68
N ALA B 41 -27.15 3.96 -6.67
CA ALA B 41 -26.17 3.80 -5.58
C ALA B 41 -24.86 3.19 -6.13
N LYS B 42 -23.73 3.64 -5.59
CA LYS B 42 -22.39 3.34 -6.08
C LYS B 42 -21.45 2.79 -4.99
N ALA B 43 -20.59 1.86 -5.42
CA ALA B 43 -19.52 1.29 -4.64
C ALA B 43 -18.29 2.16 -4.89
N THR B 44 -17.36 2.17 -3.93
CA THR B 44 -16.08 2.90 -4.02
C THR B 44 -14.90 1.93 -4.27
N LEU B 45 -14.27 2.08 -5.43
CA LEU B 45 -13.13 1.24 -5.77
C LEU B 45 -11.91 1.77 -4.98
N HIS B 46 -10.81 1.01 -5.01
CA HIS B 46 -9.66 1.36 -4.18
C HIS B 46 -9.02 2.72 -4.56
N ASN B 47 -9.27 3.20 -5.77
CA ASN B 47 -8.77 4.48 -6.19
C ASN B 47 -9.73 5.67 -5.94
N GLY B 48 -10.83 5.44 -5.26
CA GLY B 48 -11.78 6.50 -5.04
C GLY B 48 -12.81 6.64 -6.13
N VAL B 49 -12.77 5.80 -7.17
CA VAL B 49 -13.77 5.88 -8.23
C VAL B 49 -15.08 5.18 -7.77
N GLU B 50 -16.21 5.80 -8.11
CA GLU B 50 -17.53 5.32 -7.75
C GLU B 50 -18.11 4.55 -8.91
N MET B 51 -18.63 3.34 -8.64
CA MET B 51 -19.08 2.44 -9.70
C MET B 51 -20.41 1.95 -9.24
N PRO B 52 -21.45 1.98 -10.09
CA PRO B 52 -22.79 1.53 -9.65
C PRO B 52 -22.82 0.09 -9.19
N TRP B 53 -23.52 -0.16 -8.08
CA TRP B 53 -23.77 -1.49 -7.53
C TRP B 53 -24.54 -2.41 -8.50
N PHE B 54 -25.34 -1.78 -9.36
CA PHE B 54 -26.23 -2.48 -10.30
C PHE B 54 -26.02 -1.99 -11.72
N GLY B 55 -25.93 -2.92 -12.67
CA GLY B 55 -25.87 -2.56 -14.12
C GLY B 55 -26.42 -3.60 -15.06
N LEU B 56 -26.33 -3.30 -16.37
CA LEU B 56 -26.74 -4.24 -17.45
C LEU B 56 -25.52 -4.98 -18.01
N GLY B 57 -25.55 -6.30 -17.91
CA GLY B 57 -24.63 -7.11 -18.67
C GLY B 57 -25.14 -7.30 -20.09
N VAL B 58 -24.25 -7.21 -21.06
CA VAL B 58 -24.56 -7.47 -22.44
C VAL B 58 -23.70 -8.63 -22.88
N PHE B 59 -24.38 -9.73 -23.24
CA PHE B 59 -23.70 -10.96 -23.62
C PHE B 59 -23.68 -11.04 -25.15
N GLN B 60 -23.92 -12.22 -25.68
CA GLN B 60 -23.89 -12.44 -27.11
C GLN B 60 -25.33 -12.40 -27.62
N VAL B 61 -25.70 -11.24 -28.14
CA VAL B 61 -26.86 -11.13 -29.01
C VAL B 61 -26.36 -10.42 -30.26
N GLU B 62 -26.79 -10.91 -31.40
CA GLU B 62 -26.69 -10.23 -32.68
C GLU B 62 -26.87 -8.71 -32.49
N GLU B 63 -25.98 -7.94 -33.12
CA GLU B 63 -26.16 -6.51 -33.26
C GLU B 63 -27.41 -6.31 -34.11
N GLY B 64 -28.29 -5.42 -33.66
CA GLY B 64 -29.61 -5.21 -34.26
C GLY B 64 -30.45 -4.37 -33.32
N SER B 65 -31.74 -4.28 -33.62
CA SER B 65 -32.59 -3.30 -32.93
C SER B 65 -32.92 -3.73 -31.50
N GLU B 66 -33.07 -5.03 -31.27
CA GLU B 66 -33.30 -5.51 -29.91
C GLU B 66 -32.13 -5.16 -28.94
N LEU B 67 -30.88 -5.41 -29.36
CA LEU B 67 -29.69 -4.98 -28.60
C LEU B 67 -29.69 -3.48 -28.25
N VAL B 68 -29.81 -2.64 -29.28
CA VAL B 68 -29.75 -1.19 -29.14
C VAL B 68 -30.86 -0.77 -28.19
N ASN B 69 -32.05 -1.34 -28.45
CA ASN B 69 -33.24 -1.05 -27.62
C ASN B 69 -33.11 -1.45 -26.14
N ALA B 70 -32.43 -2.57 -25.87
CA ALA B 70 -32.16 -3.08 -24.53
C ALA B 70 -31.24 -2.14 -23.73
N VAL B 71 -30.13 -1.76 -24.34
CA VAL B 71 -29.17 -0.87 -23.71
C VAL B 71 -29.83 0.51 -23.49
N LYS B 72 -30.54 0.99 -24.51
CA LYS B 72 -31.27 2.29 -24.45
C LYS B 72 -32.40 2.30 -23.40
N THR B 73 -33.25 1.27 -23.45
CA THR B 73 -34.27 0.99 -22.43
C THR B 73 -33.74 1.01 -21.00
N ALA B 74 -32.64 0.27 -20.75
CA ALA B 74 -32.03 0.26 -19.43
C ALA B 74 -31.59 1.69 -18.97
N ILE B 75 -30.90 2.45 -19.80
CA ILE B 75 -30.51 3.83 -19.47
C ILE B 75 -31.73 4.71 -19.17
N VAL B 76 -32.77 4.62 -20.01
CA VAL B 76 -34.01 5.35 -19.76
C VAL B 76 -34.62 4.93 -18.43
N HIS B 77 -34.67 3.62 -18.15
CA HIS B 77 -35.22 3.17 -16.88
C HIS B 77 -34.44 3.66 -15.64
N GLY B 78 -33.15 4.00 -15.82
CA GLY B 78 -32.29 4.42 -14.71
C GLY B 78 -31.00 3.64 -14.51
N TYR B 79 -30.74 2.61 -15.29
CA TYR B 79 -29.40 2.02 -15.20
C TYR B 79 -28.33 3.05 -15.56
N ARG B 80 -27.27 3.03 -14.77
CA ARG B 80 -26.16 3.95 -14.95
C ARG B 80 -24.84 3.19 -15.19
N SER B 81 -24.94 1.85 -15.39
CA SER B 81 -23.78 0.99 -15.65
C SER B 81 -24.06 0.05 -16.80
N ILE B 82 -23.14 0.04 -17.78
CA ILE B 82 -23.23 -0.88 -18.91
C ILE B 82 -21.96 -1.72 -19.04
N ASP B 83 -22.16 -3.03 -19.19
CA ASP B 83 -21.06 -3.97 -19.26
C ASP B 83 -21.03 -4.78 -20.55
N THR B 84 -19.94 -4.61 -21.31
CA THR B 84 -19.72 -5.35 -22.54
C THR B 84 -18.29 -5.97 -22.61
N ALA B 85 -17.94 -6.54 -23.75
CA ALA B 85 -16.69 -7.24 -23.95
C ALA B 85 -16.46 -7.30 -25.45
N ALA B 86 -15.25 -7.00 -25.87
CA ALA B 86 -14.88 -7.11 -27.28
C ALA B 86 -15.31 -8.41 -27.98
N ILE B 87 -15.08 -9.54 -27.33
CA ILE B 87 -15.31 -10.88 -27.95
C ILE B 87 -16.75 -11.09 -28.37
N TYR B 88 -17.69 -10.44 -27.68
CA TYR B 88 -19.09 -10.64 -28.02
C TYR B 88 -19.47 -10.11 -29.41
N GLY B 89 -18.58 -9.29 -30.00
CA GLY B 89 -18.76 -8.85 -31.39
C GLY B 89 -19.97 -7.95 -31.55
N ASN B 90 -20.33 -7.22 -30.47
CA ASN B 90 -21.49 -6.32 -30.50
C ASN B 90 -21.30 -4.94 -29.84
N GLU B 91 -20.06 -4.48 -29.75
CA GLU B 91 -19.79 -3.18 -29.12
C GLU B 91 -20.39 -2.00 -29.85
N ALA B 92 -20.41 -2.05 -31.18
CA ALA B 92 -21.07 -1.00 -31.95
C ALA B 92 -22.59 -0.85 -31.72
N GLY B 93 -23.26 -1.99 -31.49
CA GLY B 93 -24.64 -2.00 -31.02
C GLY B 93 -24.81 -1.48 -29.59
N VAL B 94 -23.89 -1.85 -28.68
CA VAL B 94 -23.96 -1.26 -27.33
C VAL B 94 -23.71 0.26 -27.34
N GLY B 95 -22.79 0.71 -28.19
CA GLY B 95 -22.52 2.13 -28.34
C GLY B 95 -23.70 2.95 -28.88
N GLU B 96 -24.45 2.40 -29.85
CA GLU B 96 -25.75 2.94 -30.28
C GLU B 96 -26.82 3.03 -29.17
N GLY B 97 -26.92 2.00 -28.33
CA GLY B 97 -27.82 2.00 -27.17
C GLY B 97 -27.39 3.06 -26.16
N ILE B 98 -26.08 3.18 -25.93
CA ILE B 98 -25.53 4.27 -25.08
C ILE B 98 -25.81 5.65 -25.70
N ARG B 99 -25.47 5.80 -26.97
CA ARG B 99 -25.72 7.05 -27.71
C ARG B 99 -27.20 7.49 -27.66
N GLU B 100 -28.12 6.55 -27.91
CA GLU B 100 -29.55 6.85 -27.94
C GLU B 100 -30.08 7.01 -26.52
N GLY B 101 -29.55 6.21 -25.59
CA GLY B 101 -30.01 6.22 -24.17
C GLY B 101 -29.69 7.50 -23.41
N ILE B 102 -28.50 8.06 -23.72
CA ILE B 102 -28.05 9.35 -23.26
C ILE B 102 -29.02 10.47 -23.69
N GLU B 103 -29.35 10.51 -24.97
CA GLU B 103 -30.27 11.48 -25.47
C GLU B 103 -31.69 11.31 -24.85
N GLU B 104 -32.27 10.11 -24.82
CA GLU B 104 -33.62 10.14 -24.30
C GLU B 104 -33.81 10.17 -22.79
N ALA B 105 -32.83 9.68 -22.03
CA ALA B 105 -32.82 9.95 -20.58
C ALA B 105 -32.50 11.44 -20.22
N GLY B 106 -31.99 12.24 -21.19
CA GLY B 106 -31.55 13.63 -20.89
C GLY B 106 -30.39 13.72 -19.88
N ILE B 107 -29.39 12.85 -20.07
CA ILE B 107 -28.23 12.78 -19.15
C ILE B 107 -26.96 13.11 -19.94
N SER B 108 -25.79 12.90 -19.34
CA SER B 108 -24.51 13.03 -20.05
C SER B 108 -23.69 11.72 -20.03
N ARG B 109 -22.69 11.67 -20.89
CA ARG B 109 -21.65 10.62 -20.87
C ARG B 109 -21.16 10.30 -19.45
N GLU B 110 -20.93 11.35 -18.69
CA GLU B 110 -20.27 11.31 -17.41
C GLU B 110 -21.08 10.61 -16.34
N ASP B 111 -22.39 10.67 -16.49
CA ASP B 111 -23.36 10.08 -15.58
C ASP B 111 -23.38 8.55 -15.74
N LEU B 112 -22.74 8.04 -16.78
CA LEU B 112 -22.73 6.61 -17.08
C LEU B 112 -21.41 5.92 -16.76
N PHE B 113 -21.48 4.66 -16.36
CA PHE B 113 -20.30 3.85 -16.11
C PHE B 113 -20.21 2.74 -17.18
N ILE B 114 -19.27 2.86 -18.12
CA ILE B 114 -19.09 1.92 -19.23
C ILE B 114 -17.90 1.01 -18.99
N THR B 115 -18.13 -0.29 -19.09
CA THR B 115 -17.07 -1.31 -18.92
C THR B 115 -16.92 -2.12 -20.19
N SER B 116 -15.69 -2.34 -20.64
CA SER B 116 -15.41 -3.34 -21.68
C SER B 116 -14.23 -4.19 -21.29
N LYS B 117 -13.94 -5.19 -22.13
CA LYS B 117 -12.91 -6.21 -21.82
C LYS B 117 -12.04 -6.51 -23.03
N VAL B 118 -10.75 -6.75 -22.77
CA VAL B 118 -9.79 -7.22 -23.80
C VAL B 118 -9.91 -8.72 -23.98
N TRP B 119 -10.14 -9.17 -25.21
CA TRP B 119 -10.18 -10.60 -25.49
C TRP B 119 -8.81 -11.31 -25.42
N ASN B 120 -8.87 -12.61 -25.11
CA ASN B 120 -7.68 -13.44 -24.93
C ASN B 120 -6.67 -13.25 -26.06
N ALA B 121 -7.16 -13.16 -27.31
CA ALA B 121 -6.30 -12.97 -28.49
C ALA B 121 -5.53 -11.62 -28.52
N ASP B 122 -6.04 -10.60 -27.84
CA ASP B 122 -5.44 -9.28 -27.88
C ASP B 122 -4.63 -8.99 -26.61
N LEU B 123 -4.36 -10.04 -25.84
CA LEU B 123 -3.55 -9.92 -24.63
C LEU B 123 -2.07 -9.73 -24.95
N GLY B 124 -1.50 -8.69 -24.38
CA GLY B 124 -0.09 -8.36 -24.57
C GLY B 124 0.06 -6.86 -24.49
N TYR B 125 1.30 -6.37 -24.41
CA TYR B 125 1.49 -4.94 -24.29
C TYR B 125 0.83 -4.10 -25.39
N GLU B 126 1.34 -4.24 -26.60
CA GLU B 126 0.96 -3.43 -27.74
C GLU B 126 -0.38 -3.88 -28.28
N GLU B 127 -0.66 -5.16 -28.12
CA GLU B 127 -1.87 -5.70 -28.64
C GLU B 127 -3.06 -5.26 -27.78
N THR B 128 -2.84 -5.10 -26.48
CA THR B 128 -3.90 -4.62 -25.60
C THR B 128 -4.22 -3.10 -25.70
N LEU B 129 -3.20 -2.29 -25.96
CA LEU B 129 -3.33 -0.86 -26.20
C LEU B 129 -4.15 -0.58 -27.47
N ALA B 130 -3.91 -1.42 -28.48
CA ALA B 130 -4.63 -1.42 -29.76
C ALA B 130 -6.04 -1.98 -29.65
N ALA B 131 -6.24 -3.03 -28.82
CA ALA B 131 -7.58 -3.53 -28.52
C ALA B 131 -8.47 -2.43 -27.95
N PHE B 132 -7.92 -1.61 -27.06
CA PHE B 132 -8.68 -0.61 -26.31
C PHE B 132 -9.18 0.48 -27.25
N GLU B 133 -8.28 0.94 -28.13
CA GLU B 133 -8.61 1.88 -29.21
C GLU B 133 -9.74 1.35 -30.05
N THR B 134 -9.69 0.06 -30.43
CA THR B 134 -10.75 -0.42 -31.30
C THR B 134 -12.08 -0.54 -30.55
N SER B 135 -12.03 -0.79 -29.23
CA SER B 135 -13.24 -0.79 -28.39
C SER B 135 -13.87 0.58 -28.30
N LEU B 136 -13.07 1.58 -27.96
CA LEU B 136 -13.58 2.96 -27.95
C LEU B 136 -14.23 3.34 -29.26
N SER B 137 -13.53 3.03 -30.34
CA SER B 137 -13.98 3.33 -31.68
C SER B 137 -15.37 2.68 -31.96
N LYS B 138 -15.48 1.38 -31.66
CA LYS B 138 -16.76 0.65 -31.77
C LYS B 138 -17.84 1.25 -30.90
N LEU B 139 -17.45 1.58 -29.68
CA LEU B 139 -18.43 2.09 -28.71
C LEU B 139 -18.87 3.52 -29.00
N GLY B 140 -18.09 4.29 -29.78
CA GLY B 140 -18.42 5.70 -30.01
C GLY B 140 -18.02 6.59 -28.84
N LEU B 141 -17.03 6.15 -28.08
CA LEU B 141 -16.61 6.83 -26.86
C LEU B 141 -15.15 7.31 -27.00
N ASP B 142 -14.70 8.12 -26.03
CA ASP B 142 -13.30 8.51 -25.94
C ASP B 142 -12.67 8.25 -24.58
N TYR B 143 -13.39 7.53 -23.75
CA TYR B 143 -12.84 6.92 -22.54
C TYR B 143 -13.79 5.82 -22.07
N LEU B 144 -13.22 4.92 -21.27
CA LEU B 144 -13.98 3.91 -20.59
C LEU B 144 -13.83 4.19 -19.09
N ASP B 145 -14.88 3.85 -18.34
CA ASP B 145 -14.84 3.99 -16.89
C ASP B 145 -14.11 2.79 -16.30
N LEU B 146 -14.20 1.64 -16.96
CA LEU B 146 -13.51 0.44 -16.52
C LEU B 146 -13.13 -0.43 -17.72
N TYR B 147 -11.95 -1.01 -17.65
CA TYR B 147 -11.49 -1.95 -18.65
C TYR B 147 -10.96 -3.19 -17.93
N LEU B 148 -11.42 -4.35 -18.40
CA LEU B 148 -11.02 -5.64 -17.79
C LEU B 148 -10.20 -6.56 -18.70
N ILE B 149 -9.26 -7.29 -18.08
CA ILE B 149 -8.72 -8.51 -18.67
C ILE B 149 -9.78 -9.61 -18.57
N HIS B 150 -10.27 -10.06 -19.72
CA HIS B 150 -11.34 -11.06 -19.76
C HIS B 150 -11.04 -12.42 -19.10
N TRP B 151 -9.84 -12.97 -19.32
CA TRP B 151 -9.49 -14.29 -18.78
C TRP B 151 -8.02 -14.28 -18.40
N PRO B 152 -7.65 -15.04 -17.35
CA PRO B 152 -6.24 -15.21 -16.93
C PRO B 152 -5.46 -16.17 -17.83
N VAL B 153 -5.22 -15.75 -19.06
CA VAL B 153 -4.44 -16.56 -20.02
C VAL B 153 -3.00 -16.63 -19.56
N GLU B 154 -2.53 -17.87 -19.28
CA GLU B 154 -1.17 -18.16 -18.84
C GLU B 154 -0.13 -17.59 -19.80
N GLY B 155 0.68 -16.68 -19.25
CA GLY B 155 1.82 -16.11 -19.95
C GLY B 155 1.43 -14.87 -20.73
N LYS B 156 0.14 -14.52 -20.74
CA LYS B 156 -0.26 -13.37 -21.54
C LYS B 156 -0.81 -12.19 -20.71
N TYR B 157 -1.33 -12.49 -19.50
CA TYR B 157 -2.15 -11.50 -18.80
C TYR B 157 -1.35 -10.39 -18.14
N LYS B 158 -0.07 -10.68 -17.84
CA LYS B 158 0.87 -9.77 -17.17
C LYS B 158 1.24 -8.57 -18.05
N GLU B 159 1.58 -8.81 -19.32
CA GLU B 159 1.90 -7.68 -20.20
C GLU B 159 0.66 -6.90 -20.58
N ALA B 160 -0.43 -7.61 -20.77
CA ALA B 160 -1.74 -7.00 -20.99
C ALA B 160 -2.06 -6.04 -19.85
N TRP B 161 -1.89 -6.51 -18.62
CA TRP B 161 -2.12 -5.69 -17.43
C TRP B 161 -1.25 -4.44 -17.42
N ARG B 162 0.04 -4.62 -17.72
CA ARG B 162 0.96 -3.48 -17.89
C ARG B 162 0.40 -2.44 -18.85
N ALA B 163 -0.23 -2.89 -19.96
CA ALA B 163 -0.92 -1.98 -20.91
C ALA B 163 -2.12 -1.20 -20.28
N LEU B 164 -2.98 -1.92 -19.56
CA LEU B 164 -4.02 -1.31 -18.77
C LEU B 164 -3.45 -0.28 -17.81
N GLU B 165 -2.40 -0.64 -17.09
CA GLU B 165 -1.67 0.31 -16.25
C GLU B 165 -1.25 1.57 -17.03
N THR B 166 -0.66 1.44 -18.22
CA THR B 166 -0.25 2.64 -18.93
C THR B 166 -1.45 3.50 -19.27
N LEU B 167 -2.50 2.88 -19.80
CA LEU B 167 -3.73 3.56 -20.23
C LEU B 167 -4.46 4.23 -19.08
N TYR B 168 -4.36 3.63 -17.91
CA TYR B 168 -4.94 4.19 -16.73
C TYR B 168 -4.19 5.46 -16.27
N LYS B 169 -2.88 5.40 -16.31
CA LYS B 169 -2.03 6.53 -15.96
C LYS B 169 -2.17 7.71 -16.93
N GLU B 170 -2.49 7.39 -18.17
CA GLU B 170 -2.76 8.34 -19.26
C GLU B 170 -4.14 9.01 -19.08
N GLY B 171 -4.93 8.48 -18.15
CA GLY B 171 -6.21 9.06 -17.79
C GLY B 171 -7.33 8.67 -18.74
N ARG B 172 -7.07 7.63 -19.55
CA ARG B 172 -8.00 7.17 -20.56
C ARG B 172 -9.00 6.11 -20.04
N ILE B 173 -8.68 5.49 -18.91
CA ILE B 173 -9.60 4.59 -18.21
C ILE B 173 -9.62 5.05 -16.77
N LYS B 174 -10.82 5.15 -16.19
N LYS B 174 -10.85 5.29 -16.29
CA LYS B 174 -10.99 5.60 -14.81
CA LYS B 174 -11.18 5.49 -14.87
C LYS B 174 -10.53 4.56 -13.77
C LYS B 174 -10.48 4.59 -13.87
N ALA B 175 -10.55 3.31 -14.19
CA ALA B 175 -10.33 2.19 -13.30
C ALA B 175 -9.96 1.01 -14.17
N ILE B 176 -9.26 0.04 -13.59
CA ILE B 176 -8.76 -1.16 -14.30
C ILE B 176 -8.95 -2.40 -13.41
N GLY B 177 -9.24 -3.54 -14.02
CA GLY B 177 -9.52 -4.76 -13.32
C GLY B 177 -9.49 -6.00 -14.18
N VAL B 178 -10.15 -7.03 -13.69
CA VAL B 178 -9.87 -8.39 -14.11
C VAL B 178 -11.21 -9.15 -14.08
N SER B 179 -11.33 -10.18 -14.90
N SER B 179 -11.34 -10.17 -14.94
CA SER B 179 -12.49 -11.05 -14.89
CA SER B 179 -12.49 -11.07 -14.90
C SER B 179 -11.98 -12.49 -14.84
C SER B 179 -11.97 -12.50 -14.84
N ASN B 180 -12.68 -13.34 -14.08
CA ASN B 180 -12.36 -14.77 -13.94
C ASN B 180 -10.99 -15.13 -13.37
N PHE B 181 -10.48 -14.28 -12.49
CA PHE B 181 -9.19 -14.50 -11.89
C PHE B 181 -9.37 -15.19 -10.55
N GLN B 182 -8.60 -16.25 -10.35
CA GLN B 182 -8.54 -16.95 -9.09
C GLN B 182 -7.51 -16.32 -8.16
N ILE B 183 -7.51 -16.72 -6.90
CA ILE B 183 -6.52 -16.23 -5.95
C ILE B 183 -5.10 -16.34 -6.50
N HIS B 184 -4.69 -17.51 -6.99
CA HIS B 184 -3.29 -17.67 -7.46
C HIS B 184 -2.94 -16.79 -8.64
N HIS B 185 -3.92 -16.49 -9.50
CA HIS B 185 -3.72 -15.55 -10.62
C HIS B 185 -3.43 -14.16 -10.11
N LEU B 186 -4.24 -13.76 -9.13
CA LEU B 186 -4.17 -12.43 -8.51
C LEU B 186 -2.84 -12.26 -7.80
N GLU B 187 -2.39 -13.32 -7.12
CA GLU B 187 -1.12 -13.28 -6.38
C GLU B 187 0.04 -13.22 -7.36
N ASP B 188 -0.08 -13.94 -8.48
CA ASP B 188 0.98 -13.99 -9.49
C ASP B 188 1.04 -12.65 -10.25
N LEU B 189 -0.12 -12.07 -10.51
CA LEU B 189 -0.23 -10.75 -11.12
C LEU B 189 0.38 -9.66 -10.23
N MET B 190 0.07 -9.71 -8.93
N MET B 190 0.10 -9.75 -8.93
CA MET B 190 0.59 -8.73 -7.98
CA MET B 190 0.60 -8.78 -7.97
C MET B 190 2.12 -8.78 -7.79
C MET B 190 2.12 -8.78 -7.80
N THR B 191 2.74 -9.87 -8.23
CA THR B 191 4.20 -9.95 -8.29
C THR B 191 4.87 -8.80 -9.09
N ALA B 192 4.44 -8.53 -10.32
CA ALA B 192 5.07 -7.41 -11.06
C ALA B 192 4.21 -6.13 -11.21
N ALA B 193 2.92 -6.23 -10.90
CA ALA B 193 1.98 -5.11 -10.98
C ALA B 193 2.42 -3.83 -10.23
N GLU B 194 2.20 -2.66 -10.85
CA GLU B 194 2.32 -1.37 -10.13
C GLU B 194 1.01 -1.05 -9.43
N ILE B 195 -0.10 -1.28 -10.12
CA ILE B 195 -1.46 -0.99 -9.60
C ILE B 195 -2.28 -2.30 -9.39
N LYS B 196 -2.84 -2.49 -8.19
CA LYS B 196 -3.67 -3.67 -7.87
C LYS B 196 -4.89 -3.63 -8.80
N PRO B 197 -5.41 -4.79 -9.22
CA PRO B 197 -6.75 -4.75 -9.78
C PRO B 197 -7.81 -4.08 -8.84
N MET B 198 -8.80 -3.42 -9.46
CA MET B 198 -9.86 -2.70 -8.74
C MET B 198 -11.18 -3.47 -8.75
N ILE B 199 -11.35 -4.31 -9.76
CA ILE B 199 -12.51 -5.15 -9.89
C ILE B 199 -12.01 -6.58 -10.16
N ASN B 200 -12.70 -7.58 -9.59
CA ASN B 200 -12.64 -8.93 -10.11
C ASN B 200 -14.05 -9.37 -10.45
N GLN B 201 -14.35 -9.42 -11.75
CA GLN B 201 -15.69 -9.82 -12.21
C GLN B 201 -15.78 -11.31 -12.49
N VAL B 202 -16.62 -12.03 -11.75
CA VAL B 202 -16.58 -13.49 -11.80
C VAL B 202 -18.00 -14.04 -11.80
N GLU B 203 -18.14 -15.32 -12.14
CA GLU B 203 -19.41 -16.02 -11.99
C GLU B 203 -19.73 -16.19 -10.50
N PHE B 204 -20.93 -15.79 -10.13
CA PHE B 204 -21.33 -15.75 -8.73
C PHE B 204 -22.82 -15.92 -8.65
N HIS B 205 -23.25 -16.93 -7.91
CA HIS B 205 -24.68 -17.18 -7.74
C HIS B 205 -24.79 -18.17 -6.61
N PRO B 206 -26.02 -18.44 -6.14
CA PRO B 206 -26.28 -19.32 -4.99
C PRO B 206 -25.69 -20.74 -5.09
N ARG B 207 -25.34 -21.18 -6.29
CA ARG B 207 -24.74 -22.49 -6.45
C ARG B 207 -23.19 -22.49 -6.62
N LEU B 208 -22.62 -21.29 -6.67
CA LEU B 208 -21.20 -21.02 -6.76
C LEU B 208 -20.94 -19.78 -5.93
N THR B 209 -20.84 -19.95 -4.62
CA THR B 209 -20.84 -18.78 -3.73
C THR B 209 -19.44 -18.16 -3.50
N GLN B 210 -18.39 -18.77 -4.05
CA GLN B 210 -17.11 -18.12 -4.22
C GLN B 210 -16.51 -17.54 -2.95
N LYS B 211 -16.73 -18.22 -1.83
CA LYS B 211 -16.50 -17.65 -0.50
C LYS B 211 -15.05 -17.27 -0.17
N GLU B 212 -14.15 -18.20 -0.50
CA GLU B 212 -12.73 -18.01 -0.31
C GLU B 212 -12.19 -16.92 -1.24
N LEU B 213 -12.70 -16.86 -2.45
CA LEU B 213 -12.22 -15.88 -3.41
C LEU B 213 -12.65 -14.48 -3.06
N ILE B 214 -13.91 -14.33 -2.66
CA ILE B 214 -14.48 -13.08 -2.25
C ILE B 214 -13.77 -12.49 -1.00
N ARG B 215 -13.58 -13.35 0.01
CA ARG B 215 -12.88 -13.00 1.24
C ARG B 215 -11.51 -12.46 0.88
N TYR B 216 -10.82 -13.16 -0.02
CA TYR B 216 -9.47 -12.75 -0.45
C TYR B 216 -9.50 -11.38 -1.14
N CYS B 217 -10.44 -11.19 -2.06
CA CYS B 217 -10.54 -9.94 -2.79
C CYS B 217 -10.85 -8.78 -1.90
N GLN B 218 -11.82 -8.97 -0.99
CA GLN B 218 -12.15 -7.95 0.01
C GLN B 218 -10.95 -7.60 0.85
N ASN B 219 -10.16 -8.60 1.27
CA ASN B 219 -8.97 -8.34 2.08
C ASN B 219 -7.86 -7.55 1.33
N GLN B 220 -7.92 -7.60 -0.01
CA GLN B 220 -6.97 -6.94 -0.90
C GLN B 220 -7.57 -5.64 -1.41
N GLY B 221 -8.83 -5.37 -1.11
CA GLY B 221 -9.45 -4.12 -1.59
C GLY B 221 -9.80 -4.22 -3.06
N ILE B 222 -10.11 -5.43 -3.50
CA ILE B 222 -10.49 -5.68 -4.87
C ILE B 222 -12.00 -5.94 -4.86
N GLN B 223 -12.75 -5.02 -5.48
CA GLN B 223 -14.19 -5.11 -5.54
C GLN B 223 -14.70 -6.25 -6.39
N MET B 224 -15.53 -7.08 -5.79
CA MET B 224 -16.22 -8.17 -6.51
C MET B 224 -17.42 -7.73 -7.40
N GLU B 225 -17.58 -8.43 -8.52
CA GLU B 225 -18.67 -8.16 -9.46
C GLU B 225 -19.08 -9.49 -10.04
N ALA B 226 -20.37 -9.69 -10.15
CA ALA B 226 -20.94 -10.96 -10.60
C ALA B 226 -21.31 -10.93 -12.09
N TRP B 227 -20.61 -11.71 -12.88
N TRP B 227 -20.59 -11.69 -12.89
CA TRP B 227 -21.03 -12.17 -14.23
CA TRP B 227 -21.04 -12.23 -14.18
C TRP B 227 -22.12 -13.26 -14.12
C TRP B 227 -22.14 -13.29 -14.10
N SER B 228 -23.08 -13.26 -15.05
CA SER B 228 -24.19 -14.23 -15.07
C SER B 228 -24.84 -14.48 -13.72
N PRO B 229 -25.21 -13.40 -12.98
CA PRO B 229 -25.74 -13.58 -11.61
C PRO B 229 -26.99 -14.46 -11.46
N LEU B 230 -27.73 -14.69 -12.54
CA LEU B 230 -28.94 -15.52 -12.50
C LEU B 230 -28.70 -16.91 -13.08
N MET B 231 -27.42 -17.26 -13.24
CA MET B 231 -27.01 -18.61 -13.73
C MET B 231 -27.78 -19.00 -15.00
N GLN B 232 -27.86 -18.07 -15.95
CA GLN B 232 -28.61 -18.31 -17.20
C GLN B 232 -30.01 -18.92 -16.98
N GLY B 233 -30.69 -18.56 -15.88
CA GLY B 233 -32.06 -19.03 -15.63
C GLY B 233 -32.21 -20.36 -14.90
N GLN B 234 -31.08 -21.04 -14.62
CA GLN B 234 -31.09 -22.42 -14.09
C GLN B 234 -31.72 -22.50 -12.71
N LEU B 235 -31.91 -21.36 -12.07
CA LEU B 235 -32.39 -21.35 -10.70
C LEU B 235 -33.80 -20.78 -10.48
N LEU B 236 -34.45 -20.33 -11.55
CA LEU B 236 -35.74 -19.59 -11.45
C LEU B 236 -36.89 -20.36 -10.81
N ASP B 237 -36.85 -21.69 -10.92
CA ASP B 237 -37.83 -22.57 -10.34
C ASP B 237 -37.31 -23.34 -9.12
N HIS B 238 -36.20 -22.89 -8.54
CA HIS B 238 -35.81 -23.44 -7.25
C HIS B 238 -36.89 -23.27 -6.17
N PRO B 239 -37.38 -24.38 -5.59
CA PRO B 239 -38.34 -24.25 -4.48
C PRO B 239 -37.99 -23.38 -3.25
N VAL B 240 -36.75 -23.35 -2.77
CA VAL B 240 -36.49 -22.41 -1.64
C VAL B 240 -36.46 -20.93 -2.08
N LEU B 241 -35.91 -20.66 -3.26
CA LEU B 241 -35.88 -19.31 -3.79
C LEU B 241 -37.28 -18.81 -4.12
N ALA B 242 -38.14 -19.66 -4.70
CA ALA B 242 -39.59 -19.38 -4.90
C ALA B 242 -40.39 -19.17 -3.60
N ASP B 243 -40.18 -19.97 -2.58
CA ASP B 243 -40.78 -19.69 -1.26
C ASP B 243 -40.29 -18.30 -0.73
N ILE B 244 -39.01 -18.03 -0.88
CA ILE B 244 -38.46 -16.75 -0.40
C ILE B 244 -39.07 -15.60 -1.20
N ALA B 245 -39.16 -15.78 -2.52
CA ALA B 245 -39.76 -14.80 -3.42
C ALA B 245 -41.19 -14.43 -3.02
N GLN B 246 -42.03 -15.43 -2.74
CA GLN B 246 -43.41 -15.15 -2.34
C GLN B 246 -43.52 -14.46 -0.96
N THR B 247 -42.69 -14.84 -0.01
CA THR B 247 -42.63 -14.10 1.25
C THR B 247 -42.49 -12.57 1.06
N TYR B 248 -41.67 -12.15 0.10
CA TYR B 248 -41.32 -10.73 -0.07
C TYR B 248 -42.12 -10.05 -1.16
N ASN B 249 -43.02 -10.80 -1.80
CA ASN B 249 -43.84 -10.32 -2.94
C ASN B 249 -42.97 -9.88 -4.11
N LYS B 250 -41.89 -10.61 -4.32
CA LYS B 250 -40.92 -10.32 -5.38
C LYS B 250 -40.79 -11.56 -6.25
N SER B 251 -40.08 -11.44 -7.38
CA SER B 251 -39.72 -12.62 -8.19
C SER B 251 -38.41 -13.21 -7.66
N VAL B 252 -38.11 -14.43 -8.10
CA VAL B 252 -36.86 -15.17 -7.78
C VAL B 252 -35.60 -14.43 -8.27
N ALA B 253 -35.70 -13.85 -9.47
CA ALA B 253 -34.64 -13.05 -10.03
C ALA B 253 -34.36 -11.85 -9.14
N GLN B 254 -35.41 -11.19 -8.67
CA GLN B 254 -35.23 -10.08 -7.73
C GLN B 254 -34.63 -10.51 -6.40
N ILE B 255 -34.98 -11.70 -5.95
CA ILE B 255 -34.39 -12.26 -4.72
C ILE B 255 -32.85 -12.44 -4.83
N ILE B 256 -32.40 -13.03 -5.94
CA ILE B 256 -30.97 -13.36 -6.18
C ILE B 256 -30.16 -12.10 -6.33
N LEU B 257 -30.71 -11.14 -7.06
CA LEU B 257 -30.05 -9.86 -7.27
C LEU B 257 -29.85 -9.03 -5.99
N ARG B 258 -30.91 -8.88 -5.21
CA ARG B 258 -30.83 -8.35 -3.83
C ARG B 258 -29.82 -9.12 -2.95
N TRP B 259 -29.82 -10.45 -3.07
CA TRP B 259 -28.84 -11.30 -2.41
C TRP B 259 -27.38 -10.97 -2.83
N ASP B 260 -27.14 -10.73 -4.12
CA ASP B 260 -25.82 -10.20 -4.57
C ASP B 260 -25.42 -8.91 -3.81
N LEU B 261 -26.32 -7.93 -3.80
CA LEU B 261 -26.10 -6.61 -3.21
C LEU B 261 -25.82 -6.73 -1.75
N GLN B 262 -26.57 -7.59 -1.02
CA GLN B 262 -26.34 -7.71 0.42
C GLN B 262 -25.11 -8.56 0.77
N HIS B 263 -24.55 -9.24 -0.24
CA HIS B 263 -23.22 -9.82 -0.14
C HIS B 263 -22.11 -8.81 -0.50
N GLY B 264 -22.46 -7.61 -0.99
CA GLY B 264 -21.43 -6.61 -1.34
C GLY B 264 -20.81 -6.91 -2.70
N ILE B 265 -21.58 -7.54 -3.57
CA ILE B 265 -21.09 -7.93 -4.89
C ILE B 265 -21.83 -7.06 -5.94
N ILE B 266 -21.08 -6.25 -6.69
CA ILE B 266 -21.67 -5.51 -7.84
C ILE B 266 -22.31 -6.52 -8.79
N THR B 267 -23.50 -6.22 -9.29
CA THR B 267 -24.24 -7.20 -10.11
C THR B 267 -24.64 -6.60 -11.44
N ILE B 268 -24.48 -7.37 -12.50
CA ILE B 268 -24.81 -6.92 -13.86
C ILE B 268 -25.65 -7.97 -14.58
N PRO B 269 -26.95 -8.15 -14.18
CA PRO B 269 -27.82 -9.11 -14.89
C PRO B 269 -27.91 -8.82 -16.39
N LYS B 270 -28.02 -9.91 -17.18
N LYS B 270 -27.91 -9.90 -17.17
CA LYS B 270 -28.02 -9.89 -18.63
CA LYS B 270 -28.03 -9.83 -18.62
C LYS B 270 -29.44 -10.04 -19.15
C LYS B 270 -29.47 -9.98 -19.05
N SER B 271 -29.96 -9.00 -19.78
CA SER B 271 -31.25 -9.08 -20.42
C SER B 271 -31.37 -8.21 -21.64
N THR B 272 -32.23 -8.62 -22.57
CA THR B 272 -32.58 -7.77 -23.70
C THR B 272 -34.06 -7.41 -23.78
N LYS B 273 -34.88 -8.06 -22.95
CA LYS B 273 -36.31 -7.81 -22.95
C LYS B 273 -36.65 -6.74 -21.92
N GLU B 274 -37.43 -5.76 -22.35
CA GLU B 274 -37.74 -4.58 -21.56
C GLU B 274 -38.37 -4.90 -20.24
N HIS B 275 -39.38 -5.78 -20.23
CA HIS B 275 -40.02 -6.29 -19.00
C HIS B 275 -39.02 -6.87 -17.98
N ARG B 276 -38.02 -7.60 -18.47
CA ARG B 276 -37.03 -8.19 -17.61
C ARG B 276 -35.95 -7.22 -17.13
N ILE B 277 -35.46 -6.38 -18.05
CA ILE B 277 -34.63 -5.23 -17.73
C ILE B 277 -35.23 -4.42 -16.56
N LYS B 278 -36.51 -4.07 -16.71
CA LYS B 278 -37.25 -3.37 -15.64
C LYS B 278 -37.43 -4.16 -14.38
N GLU B 279 -37.81 -5.44 -14.49
CA GLU B 279 -38.06 -6.31 -13.32
C GLU B 279 -36.80 -6.50 -12.46
N ASN B 280 -35.68 -6.67 -13.20
CA ASN B 280 -34.38 -6.95 -12.66
C ASN B 280 -33.86 -5.80 -11.76
N ALA B 281 -34.14 -4.55 -12.15
CA ALA B 281 -33.72 -3.36 -11.41
C ALA B 281 -34.59 -3.03 -10.17
N SER B 282 -35.70 -3.73 -9.99
N SER B 282 -35.64 -3.80 -10.04
CA SER B 282 -36.57 -3.38 -8.88
CA SER B 282 -36.52 -3.44 -8.93
C SER B 282 -36.19 -4.19 -7.63
C SER B 282 -36.13 -4.26 -7.67
N VAL B 283 -35.02 -3.91 -7.09
CA VAL B 283 -34.47 -4.66 -5.95
C VAL B 283 -34.10 -3.74 -4.80
N PHE B 284 -34.76 -2.59 -4.78
CA PHE B 284 -34.40 -1.53 -3.86
C PHE B 284 -35.46 -1.17 -2.83
N ASP B 285 -36.61 -1.85 -2.86
CA ASP B 285 -37.75 -1.60 -1.95
C ASP B 285 -37.95 -2.69 -0.88
N PHE B 286 -37.02 -3.63 -0.79
CA PHE B 286 -37.08 -4.67 0.24
C PHE B 286 -35.68 -5.00 0.69
N GLU B 287 -35.57 -5.89 1.65
CA GLU B 287 -34.26 -6.36 2.08
C GLU B 287 -34.39 -7.76 2.63
N LEU B 288 -33.43 -8.63 2.31
CA LEU B 288 -33.44 -9.99 2.88
C LEU B 288 -32.97 -9.98 4.34
N THR B 289 -33.69 -10.72 5.18
CA THR B 289 -33.24 -11.01 6.55
C THR B 289 -31.91 -11.81 6.47
N GLN B 290 -31.10 -11.82 7.55
CA GLN B 290 -29.92 -12.71 7.63
C GLN B 290 -30.26 -14.18 7.57
N ASP B 291 -31.43 -14.55 8.07
CA ASP B 291 -31.91 -15.94 7.98
C ASP B 291 -32.07 -16.38 6.54
N ASP B 292 -32.71 -15.51 5.75
CA ASP B 292 -32.94 -15.75 4.32
C ASP B 292 -31.70 -15.67 3.46
N MET B 293 -30.77 -14.77 3.79
CA MET B 293 -29.42 -14.81 3.19
C MET B 293 -28.75 -16.16 3.46
N ASN B 294 -28.74 -16.62 4.71
CA ASN B 294 -28.22 -17.93 5.07
C ASN B 294 -28.89 -19.10 4.29
N ARG B 295 -30.23 -19.09 4.20
CA ARG B 295 -30.96 -20.08 3.40
C ARG B 295 -30.42 -20.16 1.98
N ILE B 296 -30.13 -19.01 1.39
CA ILE B 296 -29.76 -18.91 -0.01
C ILE B 296 -28.31 -19.29 -0.19
N ASP B 297 -27.47 -18.93 0.78
CA ASP B 297 -26.04 -19.35 0.78
C ASP B 297 -25.93 -20.89 0.81
N ALA B 298 -26.88 -21.52 1.50
CA ALA B 298 -26.91 -22.96 1.72
C ALA B 298 -27.18 -23.77 0.41
N LEU B 299 -27.44 -23.05 -0.68
CA LEU B 299 -27.57 -23.66 -2.01
C LEU B 299 -26.24 -23.99 -2.67
N ASN B 300 -25.13 -23.43 -2.19
CA ASN B 300 -23.80 -23.67 -2.78
C ASN B 300 -23.47 -25.14 -3.01
N GLU B 301 -23.14 -25.47 -4.25
CA GLU B 301 -22.61 -26.75 -4.61
C GLU B 301 -21.26 -26.51 -5.32
N ASN B 302 -20.76 -25.29 -5.25
CA ASN B 302 -19.56 -24.89 -6.00
C ASN B 302 -19.69 -25.33 -7.43
N LEU B 303 -20.86 -25.10 -8.00
CA LEU B 303 -21.20 -25.57 -9.34
C LEU B 303 -21.01 -24.42 -10.32
N ARG B 304 -20.12 -24.66 -11.26
CA ARG B 304 -19.67 -23.63 -12.18
C ARG B 304 -20.41 -23.83 -13.50
N VAL B 305 -20.91 -22.79 -14.11
CA VAL B 305 -21.70 -23.03 -15.31
C VAL B 305 -21.03 -22.41 -16.54
N GLY B 306 -20.23 -21.39 -16.31
CA GLY B 306 -19.36 -20.86 -17.34
C GLY B 306 -18.08 -21.65 -17.34
N PRO B 307 -17.09 -21.22 -18.14
CA PRO B 307 -15.79 -21.94 -18.11
C PRO B 307 -15.05 -21.82 -16.74
N ASP B 308 -14.25 -22.85 -16.44
CA ASP B 308 -13.27 -22.91 -15.38
C ASP B 308 -12.01 -22.07 -15.68
N PRO B 309 -11.78 -21.00 -14.92
CA PRO B 309 -10.57 -20.21 -15.09
C PRO B 309 -9.26 -20.98 -14.95
N ASP B 310 -9.25 -22.12 -14.25
CA ASP B 310 -8.04 -22.95 -14.19
C ASP B 310 -7.90 -24.02 -15.28
N ASN B 311 -8.91 -24.13 -16.15
CA ASN B 311 -8.95 -25.14 -17.21
C ASN B 311 -9.74 -24.69 -18.44
N PHE B 312 -9.16 -23.76 -19.18
CA PHE B 312 -9.82 -23.19 -20.36
C PHE B 312 -8.81 -22.96 -21.48
N ASP B 313 -9.29 -23.10 -22.71
CA ASP B 313 -8.41 -23.18 -23.86
C ASP B 313 -8.96 -22.39 -25.02
N PHE B 314 -9.11 -21.10 -24.79
CA PHE B 314 -9.70 -20.22 -25.77
C PHE B 314 -9.19 -18.82 -25.55
N MET C 35 25.26 32.73 9.67
CA MET C 35 25.05 32.34 8.29
C MET C 35 25.03 30.83 8.04
N THR C 36 25.44 30.46 6.83
CA THR C 36 25.65 29.07 6.41
C THR C 36 26.99 28.46 6.90
N THR C 37 27.08 28.25 8.18
CA THR C 37 28.35 28.11 8.91
C THR C 37 28.67 26.64 9.29
N HIS C 38 27.63 25.78 9.25
CA HIS C 38 27.76 24.38 9.58
C HIS C 38 26.60 23.55 9.04
N LEU C 39 26.78 22.22 9.04
CA LEU C 39 25.79 21.30 8.49
C LEU C 39 24.39 21.52 9.05
N GLN C 40 24.29 21.99 10.29
CA GLN C 40 23.01 22.14 10.98
C GLN C 40 22.43 23.57 11.06
N ALA C 41 23.05 24.53 10.41
CA ALA C 41 22.58 25.93 10.44
C ALA C 41 21.25 25.97 9.69
N LYS C 42 20.40 26.91 10.06
CA LYS C 42 19.02 26.97 9.60
C LYS C 42 18.69 28.34 9.06
N ALA C 43 17.92 28.40 7.97
CA ALA C 43 17.34 29.65 7.52
C ALA C 43 16.03 29.85 8.32
N THR C 44 15.57 31.07 8.42
CA THR C 44 14.28 31.26 9.08
C THR C 44 13.29 31.66 7.98
N LEU C 45 12.19 30.90 7.91
CA LEU C 45 11.09 31.12 6.97
C LEU C 45 10.23 32.26 7.54
N HIS C 46 9.34 32.82 6.72
CA HIS C 46 8.60 34.04 7.10
C HIS C 46 7.55 33.85 8.19
N ASN C 47 7.22 32.60 8.53
CA ASN C 47 6.31 32.35 9.67
C ASN C 47 7.11 32.12 10.95
N GLY C 48 8.44 32.24 10.83
CA GLY C 48 9.35 32.02 11.94
C GLY C 48 9.89 30.62 12.10
N VAL C 49 9.51 29.71 11.20
CA VAL C 49 10.00 28.34 11.20
C VAL C 49 11.43 28.24 10.70
N GLU C 50 12.25 27.45 11.39
CA GLU C 50 13.66 27.29 11.07
C GLU C 50 13.84 26.02 10.26
N MET C 51 14.51 26.16 9.11
CA MET C 51 14.72 25.06 8.16
C MET C 51 16.19 25.00 7.80
N PRO C 52 16.80 23.80 7.90
CA PRO C 52 18.20 23.71 7.48
C PRO C 52 18.50 24.23 6.08
N TRP C 53 19.60 25.00 6.00
CA TRP C 53 20.18 25.44 4.74
C TRP C 53 20.58 24.28 3.85
N PHE C 54 20.94 23.17 4.46
CA PHE C 54 21.55 22.07 3.75
C PHE C 54 20.80 20.78 4.09
N GLY C 55 20.42 20.06 3.04
CA GLY C 55 19.70 18.83 3.23
C GLY C 55 20.02 17.77 2.20
N LEU C 56 19.45 16.60 2.41
CA LEU C 56 19.59 15.50 1.46
C LEU C 56 18.38 15.41 0.55
N GLY C 57 18.63 15.46 -0.78
CA GLY C 57 17.60 15.19 -1.79
C GLY C 57 17.43 13.68 -2.04
N VAL C 58 16.19 13.22 -1.99
CA VAL C 58 15.85 11.86 -2.37
C VAL C 58 15.20 11.88 -3.75
N PHE C 59 15.57 10.94 -4.63
CA PHE C 59 15.06 10.86 -5.98
C PHE C 59 14.48 9.48 -6.23
N GLN C 60 14.38 9.09 -7.47
CA GLN C 60 13.73 7.86 -7.80
C GLN C 60 14.74 6.71 -7.77
N VAL C 61 14.73 5.98 -6.64
CA VAL C 61 15.46 4.72 -6.46
C VAL C 61 14.52 3.72 -5.80
N GLU C 62 14.70 2.44 -6.05
CA GLU C 62 13.83 1.47 -5.44
C GLU C 62 13.89 1.57 -3.94
N GLU C 63 12.78 1.36 -3.27
CA GLU C 63 12.85 1.34 -1.81
C GLU C 63 13.42 0.01 -1.33
N GLY C 64 14.61 0.07 -0.75
CA GLY C 64 15.29 -1.12 -0.25
C GLY C 64 16.43 -0.61 0.60
N SER C 65 17.37 -1.51 0.89
CA SER C 65 18.50 -1.25 1.80
C SER C 65 19.34 -0.05 1.45
N GLU C 66 19.62 0.14 0.15
N GLU C 66 19.68 0.07 0.10
CA GLU C 66 20.41 1.27 -0.33
CA GLU C 66 20.47 1.21 -0.38
C GLU C 66 19.76 2.63 -0.03
C GLU C 66 19.82 2.56 -0.07
N LEU C 67 18.46 2.73 -0.22
CA LEU C 67 17.69 3.93 0.15
C LEU C 67 17.72 4.14 1.68
N VAL C 68 17.46 3.09 2.46
CA VAL C 68 17.28 3.25 3.88
C VAL C 68 18.61 3.73 4.47
N ASN C 69 19.67 3.06 4.04
CA ASN C 69 21.02 3.38 4.44
C ASN C 69 21.47 4.80 4.09
N ALA C 70 21.09 5.26 2.90
CA ALA C 70 21.41 6.63 2.48
C ALA C 70 20.80 7.65 3.46
N VAL C 71 19.48 7.61 3.62
CA VAL C 71 18.79 8.53 4.51
C VAL C 71 19.31 8.36 5.97
N LYS C 72 19.52 7.11 6.42
CA LYS C 72 20.03 6.83 7.78
C LYS C 72 21.43 7.45 7.97
N THR C 73 22.32 7.15 7.03
CA THR C 73 23.69 7.67 7.00
C THR C 73 23.78 9.20 7.02
N ALA C 74 22.96 9.86 6.22
CA ALA C 74 22.91 11.31 6.21
C ALA C 74 22.58 11.87 7.58
N ILE C 75 21.56 11.32 8.24
CA ILE C 75 21.10 11.86 9.54
C ILE C 75 22.17 11.53 10.62
N VAL C 76 22.67 10.29 10.61
CA VAL C 76 23.75 9.94 11.54
C VAL C 76 24.92 10.93 11.35
N HIS C 77 25.33 11.15 10.10
CA HIS C 77 26.44 12.05 9.82
C HIS C 77 26.17 13.52 10.31
N GLY C 78 24.91 13.87 10.52
CA GLY C 78 24.53 15.16 11.03
C GLY C 78 23.60 15.99 10.17
N TYR C 79 23.14 15.43 9.05
CA TYR C 79 22.15 16.12 8.21
C TYR C 79 20.87 16.22 9.04
N ARG C 80 20.22 17.39 8.94
CA ARG C 80 18.97 17.56 9.69
C ARG C 80 17.75 17.82 8.80
N SER C 81 17.92 17.72 7.48
CA SER C 81 16.81 17.96 6.56
C SER C 81 16.77 16.89 5.48
N ILE C 82 15.60 16.26 5.31
CA ILE C 82 15.42 15.20 4.29
C ILE C 82 14.29 15.65 3.37
N ASP C 83 14.59 15.71 2.07
CA ASP C 83 13.60 16.13 1.06
C ASP C 83 13.16 15.00 0.18
N THR C 84 11.86 14.73 0.20
CA THR C 84 11.27 13.66 -0.64
C THR C 84 10.08 14.17 -1.50
N ALA C 85 9.56 13.30 -2.36
CA ALA C 85 8.37 13.58 -3.14
C ALA C 85 7.59 12.27 -3.28
N ALA C 86 6.28 12.35 -3.19
CA ALA C 86 5.40 11.19 -3.34
C ALA C 86 5.62 10.43 -4.62
N ILE C 87 5.89 11.12 -5.75
CA ILE C 87 6.00 10.48 -7.07
C ILE C 87 7.09 9.43 -7.15
N TYR C 88 8.09 9.55 -6.28
CA TYR C 88 9.20 8.61 -6.27
C TYR C 88 8.80 7.20 -5.86
N GLY C 89 7.63 7.07 -5.22
CA GLY C 89 7.12 5.76 -4.75
C GLY C 89 8.00 5.09 -3.68
N ASN C 90 8.71 5.89 -2.88
CA ASN C 90 9.64 5.34 -1.91
C ASN C 90 9.60 5.97 -0.50
N GLU C 91 8.49 6.65 -0.17
CA GLU C 91 8.28 7.30 1.15
C GLU C 91 8.41 6.38 2.36
N ALA C 92 7.90 5.15 2.21
CA ALA C 92 8.08 4.10 3.20
C ALA C 92 9.57 3.78 3.51
N GLY C 93 10.42 3.71 2.47
CA GLY C 93 11.89 3.51 2.61
C GLY C 93 12.60 4.77 3.11
N VAL C 94 12.07 5.94 2.74
CA VAL C 94 12.50 7.18 3.38
C VAL C 94 12.09 7.26 4.92
N GLY C 95 10.81 6.99 5.22
CA GLY C 95 10.39 6.81 6.63
C GLY C 95 11.20 5.83 7.47
N GLU C 96 11.69 4.77 6.84
CA GLU C 96 12.58 3.78 7.46
C GLU C 96 13.97 4.34 7.79
N GLY C 97 14.57 5.06 6.83
CA GLY C 97 15.84 5.78 7.03
C GLY C 97 15.77 6.78 8.17
N ILE C 98 14.65 7.50 8.24
CA ILE C 98 14.31 8.48 9.31
C ILE C 98 14.27 7.83 10.70
N ARG C 99 13.46 6.79 10.89
CA ARG C 99 13.38 6.14 12.20
C ARG C 99 14.69 5.48 12.59
N GLU C 100 15.39 4.89 11.61
CA GLU C 100 16.68 4.31 11.89
C GLU C 100 17.73 5.40 12.13
N GLY C 101 17.66 6.51 11.40
CA GLY C 101 18.62 7.58 11.61
C GLY C 101 18.50 8.22 13.01
N ILE C 102 17.27 8.41 13.46
CA ILE C 102 16.94 8.87 14.83
C ILE C 102 17.48 7.95 15.94
N GLU C 103 17.31 6.63 15.81
CA GLU C 103 17.82 5.75 16.87
C GLU C 103 19.35 5.63 16.90
N GLU C 104 20.01 5.54 15.73
CA GLU C 104 21.49 5.56 15.72
C GLU C 104 22.10 6.95 16.07
N ALA C 105 21.50 8.04 15.60
CA ALA C 105 21.97 9.40 15.96
C ALA C 105 21.79 9.77 17.43
N GLY C 106 20.93 9.04 18.14
CA GLY C 106 20.55 9.42 19.50
C GLY C 106 19.79 10.74 19.55
N ILE C 107 19.19 11.14 18.42
CA ILE C 107 18.42 12.40 18.36
C ILE C 107 16.91 12.10 18.46
N SER C 108 16.10 13.11 18.22
CA SER C 108 14.64 12.97 18.23
C SER C 108 13.99 13.46 16.90
N ARG C 109 12.78 13.00 16.64
CA ARG C 109 12.02 13.41 15.45
C ARG C 109 11.96 14.94 15.16
N GLU C 110 11.76 15.76 16.18
CA GLU C 110 11.73 17.21 15.99
C GLU C 110 13.06 17.87 15.73
N ASP C 111 14.15 17.11 15.86
CA ASP C 111 15.45 17.64 15.46
C ASP C 111 15.57 17.66 13.96
N LEU C 112 14.59 17.04 13.29
CA LEU C 112 14.61 16.82 11.85
C LEU C 112 13.58 17.62 11.12
N PHE C 113 13.90 17.97 9.90
CA PHE C 113 13.02 18.72 9.03
C PHE C 113 12.74 17.88 7.82
N ILE C 114 11.50 17.41 7.74
CA ILE C 114 11.09 16.46 6.68
C ILE C 114 10.17 17.14 5.68
N THR C 115 10.54 17.05 4.39
CA THR C 115 9.74 17.61 3.29
C THR C 115 9.19 16.52 2.40
N SER C 116 7.89 16.62 2.08
CA SER C 116 7.35 15.91 0.90
C SER C 116 6.52 16.84 0.00
N LYS C 117 5.96 16.27 -1.05
CA LYS C 117 5.40 17.02 -2.15
C LYS C 117 4.20 16.28 -2.69
N VAL C 118 3.14 17.04 -2.94
CA VAL C 118 1.97 16.45 -3.59
C VAL C 118 2.23 16.43 -5.09
N TRP C 119 2.12 15.22 -5.66
CA TRP C 119 2.23 14.98 -7.10
C TRP C 119 1.03 15.53 -7.90
N ASN C 120 1.34 16.12 -9.05
CA ASN C 120 0.39 16.62 -10.03
C ASN C 120 -0.98 15.95 -10.14
N ALA C 121 -0.99 14.62 -10.25
CA ALA C 121 -2.26 13.85 -10.43
C ALA C 121 -3.19 13.99 -9.21
N ASP C 122 -2.63 14.39 -8.08
CA ASP C 122 -3.30 14.48 -6.80
C ASP C 122 -3.67 15.91 -6.36
N LEU C 123 -3.52 16.88 -7.27
CA LEU C 123 -3.78 18.29 -6.97
C LEU C 123 -5.25 18.61 -7.08
N GLY C 124 -5.74 19.35 -6.08
CA GLY C 124 -7.18 19.55 -5.88
C GLY C 124 -7.39 19.63 -4.38
N TYR C 125 -8.55 20.10 -3.95
CA TYR C 125 -8.75 20.28 -2.52
C TYR C 125 -8.80 18.96 -1.77
N GLU C 126 -9.69 18.07 -2.18
CA GLU C 126 -9.85 16.77 -1.47
C GLU C 126 -8.73 15.79 -1.82
N GLU C 127 -8.20 15.88 -3.02
CA GLU C 127 -7.20 14.95 -3.52
C GLU C 127 -5.85 15.22 -2.89
N THR C 128 -5.64 16.46 -2.45
CA THR C 128 -4.37 16.89 -1.84
C THR C 128 -4.39 16.61 -0.32
N LEU C 129 -5.58 16.77 0.27
CA LEU C 129 -5.83 16.38 1.63
C LEU C 129 -5.64 14.87 1.78
N ALA C 130 -6.20 14.10 0.85
CA ALA C 130 -6.00 12.65 0.81
C ALA C 130 -4.53 12.28 0.61
N ALA C 131 -3.84 13.07 -0.20
CA ALA C 131 -2.46 12.75 -0.60
C ALA C 131 -1.47 12.98 0.53
N PHE C 132 -1.71 14.05 1.30
CA PHE C 132 -0.92 14.36 2.50
C PHE C 132 -1.05 13.26 3.57
N GLU C 133 -2.25 12.72 3.73
CA GLU C 133 -2.47 11.63 4.69
C GLU C 133 -1.72 10.36 4.28
N THR C 134 -1.81 10.00 3.00
CA THR C 134 -1.06 8.88 2.47
C THR C 134 0.47 9.06 2.65
N SER C 135 0.95 10.29 2.43
CA SER C 135 2.37 10.60 2.65
C SER C 135 2.84 10.40 4.08
N LEU C 136 2.05 10.89 5.05
CA LEU C 136 2.32 10.71 6.45
C LEU C 136 2.30 9.23 6.85
N SER C 137 1.28 8.52 6.38
CA SER C 137 1.16 7.11 6.65
C SER C 137 2.43 6.37 6.20
N LYS C 138 2.83 6.58 4.93
CA LYS C 138 4.02 5.95 4.37
C LYS C 138 5.32 6.35 5.07
N LEU C 139 5.47 7.64 5.38
CA LEU C 139 6.69 8.16 6.03
C LEU C 139 6.82 7.77 7.50
N GLY C 140 5.74 7.24 8.09
CA GLY C 140 5.73 6.85 9.49
C GLY C 140 5.68 8.02 10.46
N LEU C 141 5.10 9.11 10.00
CA LEU C 141 5.10 10.37 10.73
C LEU C 141 3.65 10.85 11.10
N ASP C 142 3.50 11.65 12.16
CA ASP C 142 2.21 12.33 12.45
C ASP C 142 2.18 13.82 12.05
N TYR C 143 3.31 14.36 11.64
CA TYR C 143 3.31 15.70 11.05
C TYR C 143 4.47 15.83 10.10
N LEU C 144 4.35 16.76 9.15
CA LEU C 144 5.48 17.16 8.29
C LEU C 144 5.97 18.55 8.63
N ASP C 145 7.23 18.85 8.29
CA ASP C 145 7.81 20.15 8.54
C ASP C 145 7.53 21.04 7.36
N LEU C 146 7.66 20.49 6.15
CA LEU C 146 7.33 21.20 4.93
C LEU C 146 6.57 20.33 3.93
N TYR C 147 5.56 20.92 3.29
CA TYR C 147 4.82 20.25 2.24
C TYR C 147 4.76 21.16 1.04
N LEU C 148 5.06 20.61 -0.13
CA LEU C 148 5.11 21.41 -1.36
C LEU C 148 4.21 20.89 -2.45
N ILE C 149 3.55 21.83 -3.14
CA ILE C 149 2.99 21.62 -4.48
C ILE C 149 4.19 21.42 -5.40
N HIS C 150 4.23 20.26 -6.04
CA HIS C 150 5.34 19.82 -6.85
C HIS C 150 5.48 20.57 -8.20
N TRP C 151 4.38 20.82 -8.91
CA TRP C 151 4.36 21.52 -10.20
C TRP C 151 3.15 22.45 -10.27
N PRO C 152 3.30 23.60 -10.99
CA PRO C 152 2.19 24.53 -11.16
C PRO C 152 1.24 24.11 -12.31
N VAL C 153 0.53 22.98 -12.12
CA VAL C 153 -0.43 22.44 -13.10
C VAL C 153 -1.63 23.38 -13.20
N GLU C 154 -1.82 23.98 -14.38
CA GLU C 154 -2.83 25.02 -14.61
C GLU C 154 -4.21 24.55 -14.17
N GLY C 155 -4.85 25.33 -13.30
CA GLY C 155 -6.21 25.05 -12.83
C GLY C 155 -6.30 24.02 -11.72
N LYS C 156 -5.18 23.45 -11.33
CA LYS C 156 -5.20 22.46 -10.23
C LYS C 156 -4.52 22.92 -8.96
N TYR C 157 -3.59 23.87 -9.08
CA TYR C 157 -2.70 24.20 -7.97
C TYR C 157 -3.30 25.08 -6.87
N LYS C 158 -4.23 25.96 -7.24
CA LYS C 158 -4.88 26.88 -6.31
C LYS C 158 -5.74 26.12 -5.30
N GLU C 159 -6.51 25.16 -5.77
CA GLU C 159 -7.29 24.32 -4.91
C GLU C 159 -6.39 23.47 -3.98
N ALA C 160 -5.30 22.92 -4.56
CA ALA C 160 -4.27 22.20 -3.81
C ALA C 160 -3.68 23.10 -2.74
N TRP C 161 -3.29 24.31 -3.13
CA TRP C 161 -2.82 25.30 -2.16
C TRP C 161 -3.81 25.49 -1.01
N ARG C 162 -5.10 25.60 -1.34
CA ARG C 162 -6.13 25.75 -0.30
C ARG C 162 -6.08 24.59 0.69
N ALA C 163 -5.77 23.39 0.19
CA ALA C 163 -5.69 22.18 1.03
C ALA C 163 -4.51 22.28 1.99
N LEU C 164 -3.40 22.77 1.46
CA LEU C 164 -2.21 22.99 2.25
C LEU C 164 -2.44 24.04 3.33
N GLU C 165 -3.11 25.13 2.95
CA GLU C 165 -3.63 26.11 3.90
C GLU C 165 -4.49 25.52 5.03
N THR C 166 -5.52 24.76 4.68
CA THR C 166 -6.24 23.98 5.71
C THR C 166 -5.30 23.17 6.62
N LEU C 167 -4.52 22.22 6.08
CA LEU C 167 -3.60 21.37 6.91
C LEU C 167 -2.64 22.16 7.82
N TYR C 168 -2.14 23.28 7.29
CA TYR C 168 -1.28 24.22 8.02
C TYR C 168 -1.97 24.90 9.21
N LYS C 169 -3.21 25.36 9.00
CA LYS C 169 -4.06 25.92 10.07
C LYS C 169 -4.39 24.90 11.18
N GLU C 170 -4.57 23.64 10.77
CA GLU C 170 -4.73 22.53 11.69
C GLU C 170 -3.43 22.20 12.44
N GLY C 171 -2.30 22.69 11.91
CA GLY C 171 -1.01 22.53 12.58
C GLY C 171 -0.38 21.21 12.26
N ARG C 172 -0.83 20.60 11.17
CA ARG C 172 -0.35 19.30 10.73
C ARG C 172 0.93 19.39 9.90
N ILE C 173 1.21 20.59 9.39
CA ILE C 173 2.42 20.86 8.64
C ILE C 173 3.00 22.16 9.18
N LYS C 174 4.32 22.23 9.33
CA LYS C 174 4.96 23.37 10.00
C LYS C 174 5.20 24.57 9.07
N ALA C 175 5.34 24.27 7.79
CA ALA C 175 5.47 25.28 6.76
C ALA C 175 4.84 24.71 5.46
N ILE C 176 4.49 25.60 4.53
CA ILE C 176 3.97 25.21 3.20
C ILE C 176 4.59 26.04 2.07
N GLY C 177 4.83 25.37 0.97
CA GLY C 177 5.44 26.05 -0.13
C GLY C 177 5.15 25.37 -1.43
N VAL C 178 6.00 25.70 -2.38
CA VAL C 178 5.74 25.48 -3.77
C VAL C 178 7.06 25.04 -4.50
N SER C 179 6.93 24.27 -5.56
N SER C 179 6.99 24.20 -5.61
CA SER C 179 8.09 23.82 -6.33
CA SER C 179 8.15 23.76 -6.38
C SER C 179 7.88 24.15 -7.81
C SER C 179 7.94 24.08 -7.86
N ASN C 180 8.94 24.63 -8.46
CA ASN C 180 8.88 24.97 -9.89
C ASN C 180 7.88 26.09 -10.26
N PHE C 181 7.55 26.96 -9.31
CA PHE C 181 6.73 28.13 -9.63
C PHE C 181 7.56 29.25 -10.24
N GLN C 182 7.00 29.89 -11.28
CA GLN C 182 7.55 31.12 -11.87
C GLN C 182 6.93 32.33 -11.14
N ILE C 183 7.41 33.53 -11.44
CA ILE C 183 6.85 34.76 -10.84
C ILE C 183 5.34 34.87 -11.06
N HIS C 184 4.94 34.72 -12.32
CA HIS C 184 3.56 34.83 -12.70
C HIS C 184 2.66 33.77 -12.01
N HIS C 185 3.18 32.56 -11.78
CA HIS C 185 2.46 31.53 -11.02
C HIS C 185 2.18 32.02 -9.59
N LEU C 186 3.23 32.50 -8.96
CA LEU C 186 3.18 33.07 -7.60
C LEU C 186 2.19 34.23 -7.45
N GLU C 187 2.26 35.20 -8.37
CA GLU C 187 1.28 36.29 -8.53
C GLU C 187 -0.16 35.82 -8.65
N ASP C 188 -0.36 34.76 -9.43
CA ASP C 188 -1.70 34.20 -9.65
C ASP C 188 -2.16 33.44 -8.42
N LEU C 189 -1.27 32.72 -7.77
CA LEU C 189 -1.59 32.05 -6.51
C LEU C 189 -2.02 33.07 -5.46
N MET C 190 -1.34 34.22 -5.46
CA MET C 190 -1.41 35.20 -4.38
C MET C 190 -2.73 35.93 -4.37
N THR C 191 -3.41 35.80 -5.50
CA THR C 191 -4.66 36.43 -5.81
C THR C 191 -5.81 35.66 -5.13
N ALA C 192 -5.48 34.52 -4.52
CA ALA C 192 -6.47 33.62 -3.93
C ALA C 192 -6.10 33.24 -2.52
N ALA C 193 -4.80 33.05 -2.30
CA ALA C 193 -4.22 32.60 -1.03
C ALA C 193 -4.51 33.51 0.17
N GLU C 194 -4.68 32.89 1.34
CA GLU C 194 -4.71 33.57 2.64
C GLU C 194 -3.28 33.71 3.08
N ILE C 195 -2.51 32.64 2.85
CA ILE C 195 -1.10 32.61 3.22
C ILE C 195 -0.17 32.26 2.04
N LYS C 196 0.91 33.03 1.90
CA LYS C 196 1.84 32.89 0.79
C LYS C 196 2.85 31.77 1.00
N PRO C 197 3.36 31.18 -0.10
CA PRO C 197 4.42 30.17 0.03
C PRO C 197 5.61 30.69 0.82
N MET C 198 6.21 29.77 1.55
CA MET C 198 7.33 30.00 2.44
C MET C 198 8.61 29.54 1.78
N ILE C 199 8.43 28.60 0.83
CA ILE C 199 9.46 27.98 0.02
C ILE C 199 9.08 28.02 -1.48
N ASN C 200 10.09 28.20 -2.33
CA ASN C 200 9.99 27.95 -3.78
C ASN C 200 11.21 27.13 -4.23
N GLN C 201 10.96 25.83 -4.50
CA GLN C 201 12.05 24.88 -4.78
C GLN C 201 12.14 24.65 -6.29
N VAL C 202 13.27 25.08 -6.85
CA VAL C 202 13.44 25.19 -8.30
C VAL C 202 14.86 24.76 -8.69
N GLU C 203 14.99 24.42 -9.99
CA GLU C 203 16.25 24.25 -10.68
C GLU C 203 17.14 25.49 -10.56
N PHE C 204 18.38 25.26 -10.12
CA PHE C 204 19.32 26.31 -9.75
C PHE C 204 20.71 25.75 -9.71
N HIS C 205 21.56 26.31 -10.55
CA HIS C 205 22.97 25.89 -10.71
C HIS C 205 23.66 26.99 -11.51
N PRO C 206 25.01 26.94 -11.61
CA PRO C 206 25.73 27.99 -12.38
C PRO C 206 25.28 28.30 -13.85
N ARG C 207 24.68 27.35 -14.56
CA ARG C 207 24.15 27.61 -15.90
C ARG C 207 22.73 28.19 -15.96
N LEU C 208 21.98 28.10 -14.85
CA LEU C 208 20.64 28.70 -14.67
C LEU C 208 20.60 29.45 -13.34
N THR C 209 21.02 30.72 -13.33
CA THR C 209 21.15 31.44 -12.03
C THR C 209 19.85 32.12 -11.52
N GLN C 210 18.78 32.10 -12.32
CA GLN C 210 17.44 32.42 -11.83
C GLN C 210 17.35 33.78 -11.12
N LYS C 211 18.08 34.77 -11.63
CA LYS C 211 18.31 36.02 -10.89
C LYS C 211 17.01 36.85 -10.67
N GLU C 212 16.19 36.98 -11.71
CA GLU C 212 14.85 37.59 -11.62
C GLU C 212 13.91 36.89 -10.63
N LEU C 213 13.80 35.56 -10.76
CA LEU C 213 12.97 34.74 -9.85
C LEU C 213 13.47 34.81 -8.40
N ILE C 214 14.79 34.84 -8.21
CA ILE C 214 15.37 34.88 -6.87
C ILE C 214 15.11 36.21 -6.18
N ARG C 215 15.37 37.32 -6.88
CA ARG C 215 15.00 38.69 -6.44
C ARG C 215 13.53 38.88 -6.06
N TYR C 216 12.61 38.55 -6.97
CA TYR C 216 11.17 38.59 -6.67
C TYR C 216 10.83 37.83 -5.38
N CYS C 217 11.30 36.59 -5.27
CA CYS C 217 11.03 35.77 -4.08
C CYS C 217 11.57 36.37 -2.80
N GLN C 218 12.82 36.84 -2.86
CA GLN C 218 13.45 37.56 -1.75
C GLN C 218 12.61 38.75 -1.30
N ASN C 219 12.03 39.45 -2.28
CA ASN C 219 11.21 40.63 -2.04
C ASN C 219 9.90 40.30 -1.38
N GLN C 220 9.40 39.09 -1.61
CA GLN C 220 8.12 38.69 -1.10
C GLN C 220 8.26 37.84 0.15
N GLY C 221 9.49 37.64 0.57
CA GLY C 221 9.80 36.74 1.70
C GLY C 221 9.66 35.25 1.46
N ILE C 222 9.70 34.82 0.19
CA ILE C 222 9.64 33.38 -0.19
C ILE C 222 11.06 32.83 -0.26
N GLN C 223 11.37 31.84 0.56
CA GLN C 223 12.71 31.29 0.58
C GLN C 223 12.95 30.36 -0.63
N MET C 224 14.03 30.62 -1.33
CA MET C 224 14.51 29.81 -2.42
C MET C 224 15.23 28.53 -1.96
N GLU C 225 15.11 27.47 -2.75
CA GLU C 225 15.71 26.16 -2.44
C GLU C 225 16.03 25.56 -3.79
N ALA C 226 17.20 24.93 -3.94
CA ALA C 226 17.66 24.33 -5.22
C ALA C 226 17.48 22.81 -5.28
N TRP C 227 16.68 22.34 -6.23
N TRP C 227 16.68 22.34 -6.23
CA TRP C 227 16.59 20.93 -6.56
CA TRP C 227 16.61 20.93 -6.55
C TRP C 227 17.63 20.56 -7.60
C TRP C 227 17.64 20.56 -7.60
N SER C 228 18.18 19.34 -7.52
CA SER C 228 19.35 18.93 -8.35
C SER C 228 20.41 20.03 -8.41
N PRO C 229 20.89 20.51 -7.24
CA PRO C 229 21.90 21.55 -7.29
C PRO C 229 23.11 21.17 -8.15
N LEU C 230 23.44 19.88 -8.23
CA LEU C 230 24.61 19.38 -8.95
C LEU C 230 24.34 18.91 -10.37
N MET C 231 23.05 18.91 -10.75
N MET C 231 23.08 18.96 -10.81
CA MET C 231 22.59 18.56 -12.11
CA MET C 231 22.65 18.56 -12.16
C MET C 231 23.23 17.33 -12.72
C MET C 231 23.27 17.31 -12.74
N GLN C 232 23.24 16.21 -12.02
CA GLN C 232 23.73 14.97 -12.62
C GLN C 232 25.21 15.08 -13.03
N GLY C 233 25.92 16.03 -12.43
CA GLY C 233 27.34 16.26 -12.65
C GLY C 233 27.75 16.85 -13.98
N GLN C 234 26.92 17.74 -14.53
CA GLN C 234 27.23 18.31 -15.85
C GLN C 234 28.38 19.32 -15.87
N LEU C 235 28.72 19.87 -14.70
CA LEU C 235 29.73 20.92 -14.59
C LEU C 235 31.06 20.48 -13.97
N LEU C 236 31.17 19.20 -13.59
CA LEU C 236 32.27 18.77 -12.72
C LEU C 236 33.67 18.80 -13.35
N ASP C 237 33.73 19.04 -14.66
CA ASP C 237 35.01 19.25 -15.37
C ASP C 237 35.14 20.65 -16.00
N HIS C 238 34.19 21.55 -15.68
CA HIS C 238 34.26 22.92 -16.16
C HIS C 238 35.57 23.57 -15.70
N PRO C 239 36.31 24.24 -16.59
CA PRO C 239 37.63 24.81 -16.22
C PRO C 239 37.66 25.91 -15.12
N VAL C 240 36.68 26.80 -15.11
CA VAL C 240 36.56 27.86 -14.11
C VAL C 240 36.27 27.28 -12.71
N LEU C 241 35.45 26.23 -12.72
CA LEU C 241 34.96 25.65 -11.51
C LEU C 241 36.04 24.76 -10.96
N ALA C 242 36.76 24.10 -11.88
CA ALA C 242 37.89 23.25 -11.51
C ALA C 242 39.06 24.10 -10.97
N ASP C 243 39.25 25.28 -11.55
CA ASP C 243 40.23 26.22 -11.05
C ASP C 243 39.97 26.60 -9.57
N ILE C 244 38.73 26.96 -9.26
CA ILE C 244 38.42 27.44 -7.95
C ILE C 244 38.46 26.29 -6.95
N ALA C 245 38.12 25.08 -7.41
CA ALA C 245 38.15 23.90 -6.57
C ALA C 245 39.58 23.61 -6.17
N GLN C 246 40.50 23.72 -7.13
CA GLN C 246 41.92 23.48 -6.86
C GLN C 246 42.47 24.53 -5.91
N THR C 247 42.06 25.80 -6.10
CA THR C 247 42.45 26.89 -5.19
C THR C 247 42.18 26.57 -3.71
N TYR C 248 41.05 25.92 -3.43
CA TYR C 248 40.63 25.59 -2.07
C TYR C 248 40.81 24.11 -1.71
N ASN C 249 41.48 23.32 -2.56
CA ASN C 249 41.55 21.84 -2.32
C ASN C 249 40.17 21.20 -2.07
N LYS C 250 39.23 21.56 -2.92
CA LYS C 250 37.89 21.13 -2.75
C LYS C 250 37.46 20.48 -4.08
N SER C 251 36.39 19.69 -4.05
CA SER C 251 35.82 19.19 -5.30
C SER C 251 35.01 20.30 -5.98
N VAL C 252 34.72 20.14 -7.26
CA VAL C 252 33.86 21.06 -7.97
C VAL C 252 32.48 21.10 -7.28
N ALA C 253 31.97 19.92 -6.90
CA ALA C 253 30.67 19.77 -6.33
C ALA C 253 30.55 20.49 -4.96
N GLN C 254 31.61 20.44 -4.18
CA GLN C 254 31.69 21.21 -2.91
C GLN C 254 31.64 22.73 -3.20
N ILE C 255 32.32 23.17 -4.27
CA ILE C 255 32.31 24.55 -4.70
C ILE C 255 30.89 25.00 -5.11
N ILE C 256 30.21 24.22 -5.99
CA ILE C 256 28.85 24.58 -6.40
C ILE C 256 27.94 24.72 -5.18
N LEU C 257 28.02 23.75 -4.28
CA LEU C 257 27.17 23.71 -3.12
C LEU C 257 27.45 24.91 -2.18
N ARG C 258 28.72 25.24 -1.96
CA ARG C 258 29.12 26.45 -1.20
C ARG C 258 28.61 27.75 -1.89
N TRP C 259 28.56 27.72 -3.22
CA TRP C 259 28.00 28.80 -4.03
C TRP C 259 26.48 28.91 -3.83
N ASP C 260 25.77 27.79 -3.77
CA ASP C 260 24.33 27.78 -3.44
C ASP C 260 24.13 28.55 -2.15
N LEU C 261 24.87 28.13 -1.13
CA LEU C 261 24.73 28.65 0.21
C LEU C 261 25.01 30.14 0.28
N GLN C 262 26.14 30.56 -0.31
CA GLN C 262 26.50 31.98 -0.33
C GLN C 262 25.55 32.81 -1.22
N HIS C 263 24.70 32.16 -2.01
CA HIS C 263 23.58 32.83 -2.68
C HIS C 263 22.26 32.89 -1.88
N GLY C 264 22.24 32.33 -0.66
CA GLY C 264 21.00 32.31 0.18
C GLY C 264 19.95 31.33 -0.36
N ILE C 265 20.42 30.24 -0.92
CA ILE C 265 19.56 29.23 -1.49
C ILE C 265 19.75 27.94 -0.70
N ILE C 266 18.67 27.48 -0.08
CA ILE C 266 18.71 26.19 0.62
C ILE C 266 19.03 25.11 -0.44
N THR C 267 19.86 24.14 -0.08
CA THR C 267 20.41 23.22 -1.11
C THR C 267 20.25 21.76 -0.68
N ILE C 268 19.81 20.91 -1.60
CA ILE C 268 19.50 19.52 -1.20
C ILE C 268 20.13 18.54 -2.20
N PRO C 269 21.45 18.44 -2.20
CA PRO C 269 22.11 17.52 -3.17
C PRO C 269 21.54 16.08 -3.11
N LYS C 270 21.35 15.46 -4.27
N LYS C 270 21.35 15.42 -4.27
CA LYS C 270 20.84 14.09 -4.41
CA LYS C 270 20.72 14.08 -4.36
C LYS C 270 21.97 13.09 -4.27
C LYS C 270 21.74 12.93 -4.40
N SER C 271 21.84 12.14 -3.34
CA SER C 271 22.76 10.99 -3.35
C SER C 271 22.28 9.81 -2.56
N THR C 272 22.72 8.59 -2.95
CA THR C 272 22.55 7.38 -2.15
C THR C 272 23.89 6.66 -1.80
N LYS C 273 25.00 7.31 -2.12
CA LYS C 273 26.32 6.77 -1.83
C LYS C 273 26.87 7.43 -0.59
N GLU C 274 27.20 6.61 0.41
CA GLU C 274 27.76 7.07 1.68
C GLU C 274 28.85 8.16 1.53
N HIS C 275 29.80 7.92 0.66
CA HIS C 275 30.97 8.76 0.48
C HIS C 275 30.57 10.14 -0.05
N ARG C 276 29.68 10.17 -1.04
CA ARG C 276 29.17 11.42 -1.61
C ARG C 276 28.33 12.21 -0.63
N ILE C 277 27.44 11.51 0.06
CA ILE C 277 26.59 12.10 1.07
C ILE C 277 27.42 12.83 2.14
N LYS C 278 28.49 12.18 2.57
CA LYS C 278 29.48 12.83 3.47
C LYS C 278 30.30 13.99 2.86
N GLU C 279 30.94 13.74 1.74
CA GLU C 279 31.73 14.74 1.03
C GLU C 279 30.97 15.97 0.57
N ASN C 280 29.78 15.75 0.00
CA ASN C 280 28.88 16.83 -0.43
C ASN C 280 28.70 17.82 0.70
N ALA C 281 28.56 17.30 1.94
CA ALA C 281 28.16 18.14 3.10
C ALA C 281 29.33 18.93 3.64
N SER C 282 30.49 18.66 3.07
CA SER C 282 31.75 19.07 3.68
C SER C 282 32.20 20.37 3.04
N VAL C 283 31.42 21.40 3.34
CA VAL C 283 31.39 22.62 2.54
C VAL C 283 31.47 23.80 3.53
N PHE C 284 31.99 23.52 4.74
CA PHE C 284 32.02 24.54 5.82
C PHE C 284 33.42 24.93 6.29
N ASP C 285 34.44 24.33 5.69
CA ASP C 285 35.83 24.64 6.06
C ASP C 285 36.50 25.67 5.15
N PHE C 286 35.70 26.35 4.36
CA PHE C 286 36.19 27.41 3.46
C PHE C 286 35.02 28.25 3.08
N GLU C 287 35.30 29.34 2.38
CA GLU C 287 34.24 30.14 1.80
C GLU C 287 34.74 30.77 0.52
N LEU C 288 33.80 31.17 -0.33
CA LEU C 288 34.12 31.77 -1.62
C LEU C 288 34.18 33.29 -1.47
N THR C 289 35.17 33.94 -2.11
CA THR C 289 35.26 35.39 -2.16
C THR C 289 34.20 35.91 -3.13
N GLN C 290 33.90 37.22 -3.10
CA GLN C 290 32.97 37.81 -4.06
C GLN C 290 33.47 37.58 -5.49
N ASP C 291 34.78 37.76 -5.72
CA ASP C 291 35.43 37.39 -6.99
C ASP C 291 35.18 35.95 -7.46
N ASP C 292 35.43 34.95 -6.60
CA ASP C 292 34.99 33.58 -6.88
C ASP C 292 33.51 33.52 -7.25
N MET C 293 32.67 34.18 -6.45
CA MET C 293 31.22 34.25 -6.70
C MET C 293 30.88 34.84 -8.07
N ASN C 294 31.54 35.95 -8.40
CA ASN C 294 31.35 36.65 -9.68
C ASN C 294 31.75 35.79 -10.87
N ARG C 295 32.81 35.01 -10.75
CA ARG C 295 33.23 34.12 -11.84
C ARG C 295 32.24 32.96 -12.06
N ILE C 296 31.68 32.45 -10.98
CA ILE C 296 30.73 31.34 -11.08
C ILE C 296 29.39 31.82 -11.63
N ASP C 297 29.03 33.07 -11.32
CA ASP C 297 27.83 33.70 -11.85
C ASP C 297 27.96 34.01 -13.34
N ALA C 298 29.18 34.22 -13.82
CA ALA C 298 29.41 34.47 -15.24
C ALA C 298 29.20 33.22 -16.13
N LEU C 299 28.92 32.09 -15.51
CA LEU C 299 28.63 30.84 -16.23
C LEU C 299 27.20 30.75 -16.72
N ASN C 300 26.31 31.53 -16.11
CA ASN C 300 24.91 31.49 -16.47
C ASN C 300 24.68 31.60 -17.99
N GLU C 301 23.79 30.76 -18.49
CA GLU C 301 23.34 30.82 -19.86
C GLU C 301 21.82 30.73 -19.89
N ASN C 302 21.22 30.82 -18.71
CA ASN C 302 19.78 30.71 -18.54
C ASN C 302 19.36 29.42 -19.20
N LEU C 303 20.13 28.38 -18.88
CA LEU C 303 20.05 27.07 -19.53
C LEU C 303 19.45 25.98 -18.66
N ARG C 304 18.18 25.70 -18.94
CA ARG C 304 17.36 24.75 -18.21
C ARG C 304 17.70 23.31 -18.65
N VAL C 305 18.01 22.46 -17.70
CA VAL C 305 18.17 21.04 -17.94
C VAL C 305 16.88 20.26 -17.64
N GLY C 306 16.28 20.50 -16.48
CA GLY C 306 14.99 19.90 -16.08
C GLY C 306 13.82 20.40 -16.92
N PRO C 307 12.59 19.96 -16.60
CA PRO C 307 11.44 20.42 -17.42
C PRO C 307 11.14 21.93 -17.23
N ASP C 308 10.47 22.51 -18.23
CA ASP C 308 10.03 23.92 -18.25
C ASP C 308 8.69 24.13 -17.48
N PRO C 309 8.75 24.85 -16.31
CA PRO C 309 7.60 25.30 -15.54
C PRO C 309 6.48 25.94 -16.36
N ASP C 310 6.84 26.60 -17.45
CA ASP C 310 5.85 27.25 -18.32
C ASP C 310 5.41 26.40 -19.52
N ASN C 311 5.88 25.16 -19.57
CA ASN C 311 5.64 24.29 -20.75
C ASN C 311 6.05 22.85 -20.47
N PHE C 312 5.13 22.15 -19.82
CA PHE C 312 5.32 20.76 -19.45
C PHE C 312 3.95 20.07 -19.53
N ASP C 313 3.97 18.78 -19.83
CA ASP C 313 2.78 18.03 -20.19
C ASP C 313 2.68 16.71 -19.43
N PHE C 314 2.84 16.79 -18.11
CA PHE C 314 2.78 15.64 -17.19
C PHE C 314 2.05 15.93 -15.85
CA CA D . 13.30 -12.80 21.09
CA CA E . -6.88 -19.95 32.92
CA CA F . -27.86 -12.82 -15.51
CA CA G . 22.00 17.09 -6.84
#